data_4H5F
#
_entry.id   4H5F
#
_cell.length_a   99.373
_cell.length_b   61.705
_cell.length_c   103.626
_cell.angle_alpha   90.00
_cell.angle_beta   118.04
_cell.angle_gamma   90.00
#
_symmetry.space_group_name_H-M   'P 1 21 1'
#
loop_
_entity.id
_entity.type
_entity.pdbx_description
1 polymer 'Amino acid ABC superfamily ATP binding cassette transporter, binding protein'
2 non-polymer 'SULFATE ION'
3 non-polymer 'CHLORIDE ION'
4 non-polymer DI(HYDROXYETHYL)ETHER
5 non-polymer GLYCEROL
6 non-polymer 'TRIETHYLENE GLYCOL'
7 non-polymer ARGININE
8 non-polymer 'ACETATE ION'
9 non-polymer 1,2-ETHANEDIOL
10 water water
#
_entity_poly.entity_id   1
_entity_poly.type   'polypeptide(L)'
_entity_poly.pdbx_seq_one_letter_code
;GQSAVEAIKQKGKLVVATSPDYAPFEFQSLVDGKNQVVGADIDMAQAIADELGVKLEILSMSFDNVLTSLQTGKADLAVA
GISATDERKEVFDFSIPYYENKISFLVHKADVEKYKDLTSLESANIAAQKGTVPESMVKEQLPKAQLTSLTNMGEAVNEL
QAGKIDAVHMDEPVALSYAAKNAGLAVATVSLKMKDGDANAVALRKNSDDLKEVVDKVIQKLKDEGTYQSYLEKAASLTE
VEE
;
_entity_poly.pdbx_strand_id   A,B,C,D
#
loop_
_chem_comp.id
_chem_comp.type
_chem_comp.name
_chem_comp.formula
ACT non-polymer 'ACETATE ION' 'C2 H3 O2 -1'
CL non-polymer 'CHLORIDE ION' 'Cl -1'
EDO non-polymer 1,2-ETHANEDIOL 'C2 H6 O2'
GOL non-polymer GLYCEROL 'C3 H8 O3'
PEG non-polymer DI(HYDROXYETHYL)ETHER 'C4 H10 O3'
PGE non-polymer 'TRIETHYLENE GLYCOL' 'C6 H14 O4'
SO4 non-polymer 'SULFATE ION' 'O4 S -2'
#
# COMPACT_ATOMS: atom_id res chain seq x y z
N GLN A 2 2.56 -26.86 1.09
CA GLN A 2 3.30 -25.72 0.56
C GLN A 2 2.37 -24.60 0.12
N SER A 3 1.10 -24.93 -0.13
CA SER A 3 0.11 -23.93 -0.52
C SER A 3 -0.83 -23.61 0.64
N ALA A 4 -0.62 -22.47 1.29
CA ALA A 4 -1.44 -22.08 2.42
C ALA A 4 -2.91 -21.90 2.05
N VAL A 5 -3.19 -21.18 0.96
CA VAL A 5 -4.60 -20.92 0.60
C VAL A 5 -5.39 -22.23 0.35
N GLU A 6 -4.79 -23.19 -0.36
CA GLU A 6 -5.45 -24.48 -0.60
C GLU A 6 -5.72 -25.27 0.69
N ALA A 7 -4.73 -25.33 1.58
CA ALA A 7 -4.85 -26.06 2.83
C ALA A 7 -5.96 -25.49 3.68
N ILE A 8 -6.06 -24.16 3.70
CA ILE A 8 -7.10 -23.47 4.46
C ILE A 8 -8.51 -23.79 3.91
N LYS A 9 -8.66 -23.73 2.59
CA LYS A 9 -9.93 -24.12 1.96
C LYS A 9 -10.33 -25.57 2.25
N GLN A 10 -9.35 -26.47 2.18
CA GLN A 10 -9.56 -27.89 2.46
C GLN A 10 -9.99 -28.19 3.91
N LYS A 11 -9.35 -27.58 4.91
CA LYS A 11 -9.76 -27.80 6.30
C LYS A 11 -10.98 -26.96 6.72
N GLY A 12 -11.35 -26.02 5.87
CA GLY A 12 -12.58 -25.27 6.01
C GLY A 12 -12.54 -24.19 7.05
N LYS A 13 -11.32 -23.85 7.50
CA LYS A 13 -11.16 -22.84 8.55
C LYS A 13 -9.81 -22.10 8.47
N LEU A 14 -9.83 -20.84 8.86
CA LEU A 14 -8.63 -20.01 9.07
C LEU A 14 -8.35 -19.93 10.57
N VAL A 15 -7.19 -20.42 11.00
CA VAL A 15 -6.91 -20.54 12.42
C VAL A 15 -6.03 -19.37 12.82
N VAL A 16 -6.50 -18.55 13.75
CA VAL A 16 -5.83 -17.32 14.12
C VAL A 16 -5.43 -17.35 15.59
N ALA A 17 -4.14 -17.31 15.87
CA ALA A 17 -3.70 -17.32 17.26
C ALA A 17 -3.78 -15.90 17.82
N THR A 18 -4.38 -15.76 19.01
CA THR A 18 -4.48 -14.45 19.66
C THR A 18 -4.39 -14.55 21.20
N SER A 19 -4.25 -13.40 21.85
CA SER A 19 -4.21 -13.32 23.31
C SER A 19 -5.26 -12.32 23.81
N PRO A 20 -6.45 -12.82 24.20
CA PRO A 20 -7.59 -11.91 24.43
C PRO A 20 -7.55 -11.24 25.79
N ASP A 21 -6.46 -10.52 26.08
CA ASP A 21 -6.31 -9.77 27.33
C ASP A 21 -5.99 -8.30 27.01
N TYR A 22 -6.58 -7.78 25.94
CA TYR A 22 -6.03 -6.59 25.30
C TYR A 22 -7.06 -5.74 24.56
N ALA A 23 -8.15 -5.39 25.23
CA ALA A 23 -9.18 -4.52 24.68
C ALA A 23 -8.56 -3.19 24.32
N PRO A 24 -8.89 -2.64 23.13
CA PRO A 24 -9.93 -2.98 22.16
C PRO A 24 -9.50 -3.92 21.02
N PHE A 25 -8.25 -4.34 21.01
CA PHE A 25 -7.77 -5.28 19.99
C PHE A 25 -8.46 -6.65 20.10
N GLU A 26 -8.32 -7.31 21.26
CA GLU A 26 -8.99 -8.59 21.50
C GLU A 26 -9.22 -8.82 22.96
N PHE A 27 -10.40 -9.33 23.29
CA PHE A 27 -10.82 -9.47 24.67
C PHE A 27 -12.05 -10.34 24.75
N GLN A 28 -12.47 -10.68 25.96
CA GLN A 28 -13.64 -11.53 26.14
C GLN A 28 -14.88 -10.75 26.55
N SER A 29 -16.02 -11.14 25.98
CA SER A 29 -17.28 -10.43 26.22
C SER A 29 -18.50 -11.37 26.29
N LEU A 30 -19.54 -10.90 26.96
CA LEU A 30 -20.84 -11.55 27.01
C LEU A 30 -21.58 -11.33 25.68
N VAL A 31 -21.47 -12.28 24.76
CA VAL A 31 -22.10 -12.08 23.46
C VAL A 31 -23.08 -13.19 23.14
N ASP A 32 -24.38 -12.86 23.26
CA ASP A 32 -25.46 -13.82 23.03
C ASP A 32 -25.23 -15.08 23.85
N GLY A 33 -25.21 -14.91 25.17
CA GLY A 33 -24.77 -15.93 26.08
C GLY A 33 -23.68 -15.34 26.95
N LYS A 34 -22.44 -15.79 26.75
CA LYS A 34 -21.28 -15.26 27.45
C LYS A 34 -20.03 -15.79 26.76
N ASN A 35 -18.87 -15.51 27.37
CA ASN A 35 -17.59 -16.09 26.92
C ASN A 35 -17.41 -16.06 25.40
N GLN A 36 -17.12 -14.88 24.87
CA GLN A 36 -16.87 -14.70 23.45
C GLN A 36 -15.66 -13.81 23.26
N VAL A 37 -14.71 -14.22 22.42
CA VAL A 37 -13.58 -13.37 22.09
C VAL A 37 -14.02 -12.34 21.04
N VAL A 38 -13.85 -11.07 21.37
CA VAL A 38 -14.30 -9.99 20.51
C VAL A 38 -13.18 -8.98 20.35
N GLY A 39 -13.38 -7.97 19.51
CA GLY A 39 -12.43 -6.87 19.37
C GLY A 39 -12.13 -6.56 17.93
N ALA A 40 -11.42 -5.46 17.68
CA ALA A 40 -11.10 -5.04 16.32
C ALA A 40 -10.25 -6.05 15.54
N ASP A 41 -9.29 -6.70 16.21
CA ASP A 41 -8.50 -7.72 15.55
C ASP A 41 -9.37 -8.90 15.13
N ILE A 42 -10.39 -9.21 15.94
CA ILE A 42 -11.26 -10.34 15.66
C ILE A 42 -12.18 -10.02 14.46
N ASP A 43 -12.70 -8.80 14.42
CA ASP A 43 -13.49 -8.38 13.26
C ASP A 43 -12.67 -8.41 11.98
N MET A 44 -11.44 -7.94 12.06
CA MET A 44 -10.56 -8.02 10.92
C MET A 44 -10.26 -9.47 10.52
N ALA A 45 -10.04 -10.35 11.49
CA ALA A 45 -9.78 -11.76 11.17
C ALA A 45 -10.99 -12.41 10.51
N GLN A 46 -12.17 -12.00 10.95
CA GLN A 46 -13.42 -12.49 10.38
C GLN A 46 -13.54 -12.05 8.94
N ALA A 47 -13.11 -10.82 8.64
CA ALA A 47 -13.05 -10.31 7.27
C ALA A 47 -12.10 -11.11 6.37
N ILE A 48 -10.97 -11.53 6.92
CA ILE A 48 -10.01 -12.37 6.20
C ILE A 48 -10.58 -13.78 5.95
N ALA A 49 -11.28 -14.35 6.93
CA ALA A 49 -11.90 -15.67 6.76
C ALA A 49 -12.99 -15.62 5.69
N ASP A 50 -13.79 -14.56 5.70
CA ASP A 50 -14.85 -14.35 4.70
C ASP A 50 -14.32 -14.23 3.28
N GLU A 51 -13.20 -13.52 3.14
CA GLU A 51 -12.57 -13.36 1.84
C GLU A 51 -12.14 -14.73 1.30
N LEU A 52 -11.69 -15.61 2.20
CA LEU A 52 -11.26 -16.97 1.84
C LEU A 52 -12.42 -17.99 1.79
N GLY A 53 -13.62 -17.55 2.17
CA GLY A 53 -14.79 -18.40 2.16
C GLY A 53 -14.69 -19.52 3.18
N VAL A 54 -14.11 -19.24 4.34
CA VAL A 54 -13.98 -20.24 5.39
C VAL A 54 -14.46 -19.71 6.74
N LYS A 55 -14.62 -20.60 7.71
CA LYS A 55 -14.93 -20.23 9.08
C LYS A 55 -13.67 -19.65 9.76
N LEU A 56 -13.86 -18.75 10.72
CA LEU A 56 -12.77 -18.24 11.54
C LEU A 56 -12.67 -19.08 12.80
N GLU A 57 -11.50 -19.62 13.11
CA GLU A 57 -11.28 -20.22 14.42
C GLU A 57 -10.30 -19.38 15.23
N ILE A 58 -10.73 -18.92 16.39
CA ILE A 58 -9.86 -18.14 17.27
C ILE A 58 -9.22 -19.08 18.28
N LEU A 59 -7.90 -19.14 18.24
CA LEU A 59 -7.16 -19.96 19.19
C LEU A 59 -6.55 -19.02 20.23
N SER A 60 -7.11 -19.03 21.43
CA SER A 60 -6.67 -18.13 22.51
C SER A 60 -5.52 -18.74 23.30
N MET A 61 -4.57 -17.90 23.69
CA MET A 61 -3.45 -18.35 24.51
C MET A 61 -2.80 -17.10 25.07
N SER A 62 -1.73 -17.25 25.86
CA SER A 62 -1.05 -16.08 26.37
CA SER A 62 -1.01 -16.10 26.37
C SER A 62 -0.18 -15.48 25.26
N PHE A 63 0.09 -14.17 25.36
CA PHE A 63 0.83 -13.50 24.27
C PHE A 63 2.21 -14.08 23.94
N ASP A 64 2.98 -14.44 24.96
CA ASP A 64 4.34 -14.95 24.71
C ASP A 64 4.38 -16.32 24.03
N ASN A 65 3.20 -16.86 23.69
CA ASN A 65 3.06 -18.14 22.95
C ASN A 65 2.37 -18.02 21.60
N VAL A 66 1.89 -16.82 21.31
CA VAL A 66 1.25 -16.53 20.03
C VAL A 66 2.16 -16.75 18.82
N LEU A 67 3.34 -16.15 18.81
CA LEU A 67 4.23 -16.32 17.66
C LEU A 67 4.82 -17.71 17.62
N THR A 68 5.11 -18.27 18.79
CA THR A 68 5.57 -19.66 18.91
C THR A 68 4.57 -20.65 18.26
N SER A 69 3.29 -20.50 18.57
CA SER A 69 2.28 -21.39 17.99
CA SER A 69 2.24 -21.34 18.00
C SER A 69 2.14 -21.21 16.48
N LEU A 70 2.32 -19.99 15.97
CA LEU A 70 2.32 -19.73 14.53
C LEU A 70 3.53 -20.42 13.90
N GLN A 71 4.68 -20.26 14.52
CA GLN A 71 5.94 -20.81 14.02
C GLN A 71 5.89 -22.33 13.88
N THR A 72 5.19 -22.99 14.80
CA THR A 72 5.11 -24.44 14.81
C THR A 72 3.86 -25.03 14.14
N GLY A 73 3.03 -24.19 13.53
CA GLY A 73 1.92 -24.69 12.74
C GLY A 73 0.62 -24.93 13.51
N LYS A 74 0.51 -24.41 14.72
CA LYS A 74 -0.75 -24.48 15.46
C LYS A 74 -1.78 -23.46 14.98
N ALA A 75 -1.31 -22.47 14.22
CA ALA A 75 -2.18 -21.44 13.66
C ALA A 75 -1.74 -21.05 12.24
N ASP A 76 -2.66 -20.52 11.44
CA ASP A 76 -2.30 -20.04 10.09
C ASP A 76 -1.75 -18.61 10.14
N LEU A 77 -2.31 -17.80 11.05
CA LEU A 77 -1.97 -16.38 11.25
C LEU A 77 -1.89 -16.10 12.74
N ALA A 78 -1.11 -15.10 13.10
CA ALA A 78 -1.13 -14.56 14.46
C ALA A 78 -1.63 -13.13 14.38
N VAL A 79 -2.75 -12.84 15.05
CA VAL A 79 -3.29 -11.50 15.13
C VAL A 79 -3.53 -11.13 16.57
N ALA A 80 -2.72 -10.24 17.13
CA ALA A 80 -2.79 -9.94 18.56
C ALA A 80 -2.18 -8.58 18.90
N GLY A 81 -2.53 -7.55 18.12
CA GLY A 81 -1.85 -6.25 18.20
C GLY A 81 -0.34 -6.39 18.15
N ILE A 82 0.17 -7.10 17.15
CA ILE A 82 1.57 -7.50 17.09
C ILE A 82 2.37 -6.43 16.36
N SER A 83 3.39 -5.90 17.03
CA SER A 83 4.29 -4.93 16.42
C SER A 83 5.19 -5.63 15.44
N ALA A 84 5.26 -5.11 14.22
CA ALA A 84 6.09 -5.69 13.19
C ALA A 84 7.53 -5.20 13.30
N THR A 85 8.33 -5.87 14.12
CA THR A 85 9.71 -5.43 14.32
C THR A 85 10.70 -6.10 13.37
N ASP A 86 11.85 -5.43 13.20
CA ASP A 86 12.97 -6.02 12.50
C ASP A 86 13.31 -7.40 13.04
N GLU A 87 13.51 -7.50 14.35
CA GLU A 87 13.87 -8.77 14.95
C GLU A 87 12.85 -9.87 14.68
N ARG A 88 11.56 -9.52 14.71
CA ARG A 88 10.50 -10.50 14.43
C ARG A 88 10.48 -10.90 12.96
N LYS A 89 10.88 -9.95 12.10
CA LYS A 89 10.96 -10.19 10.66
C LYS A 89 12.08 -11.14 10.22
N GLU A 90 12.98 -11.48 11.15
CA GLU A 90 13.96 -12.51 10.87
C GLU A 90 13.26 -13.87 10.81
N VAL A 91 12.15 -14.02 11.50
CA VAL A 91 11.50 -15.33 11.65
C VAL A 91 10.16 -15.40 10.96
N PHE A 92 9.43 -14.29 10.98
CA PHE A 92 8.09 -14.24 10.40
C PHE A 92 8.00 -13.28 9.23
N ASP A 93 7.02 -13.52 8.36
CA ASP A 93 6.58 -12.50 7.41
C ASP A 93 5.42 -11.75 8.06
N PHE A 94 5.26 -10.48 7.69
CA PHE A 94 4.19 -9.66 8.22
C PHE A 94 3.40 -9.07 7.10
N SER A 95 2.10 -8.86 7.33
CA SER A 95 1.27 -8.18 6.36
C SER A 95 1.65 -6.70 6.34
N ILE A 96 1.02 -5.93 5.48
CA ILE A 96 1.10 -4.49 5.56
C ILE A 96 0.50 -4.10 6.93
N PRO A 97 0.91 -2.94 7.50
CA PRO A 97 0.34 -2.54 8.79
C PRO A 97 -1.15 -2.37 8.65
N TYR A 98 -1.91 -2.73 9.67
CA TYR A 98 -3.34 -2.41 9.70
C TYR A 98 -3.69 -1.26 10.66
N TYR A 99 -2.80 -0.96 11.60
CA TYR A 99 -3.05 0.14 12.51
C TYR A 99 -1.73 0.51 13.18
N GLU A 100 -1.55 1.80 13.44
CA GLU A 100 -0.34 2.30 14.06
C GLU A 100 -0.74 3.17 15.24
N ASN A 101 -0.07 2.98 16.37
CA ASN A 101 -0.41 3.70 17.60
C ASN A 101 0.82 3.93 18.49
N LYS A 102 0.66 4.69 19.57
CA LYS A 102 1.76 4.90 20.53
C LYS A 102 1.76 3.88 21.65
N ILE A 103 2.82 3.88 22.45
CA ILE A 103 2.91 3.01 23.59
CA ILE A 103 2.95 3.00 23.60
C ILE A 103 2.98 3.89 24.84
N SER A 104 2.11 3.62 25.79
CA SER A 104 2.01 4.49 26.96
CA SER A 104 1.90 4.49 26.95
C SER A 104 1.90 3.72 28.28
N PHE A 105 1.84 4.48 29.38
CA PHE A 105 1.74 3.90 30.72
C PHE A 105 0.37 4.13 31.31
N LEU A 106 -0.18 3.08 31.94
CA LEU A 106 -1.41 3.18 32.70
C LEU A 106 -1.02 3.34 34.17
N VAL A 107 -1.57 4.36 34.83
CA VAL A 107 -1.25 4.64 36.23
C VAL A 107 -2.52 4.91 37.03
N HIS A 108 -2.37 5.10 38.35
CA HIS A 108 -3.52 5.51 39.14
C HIS A 108 -3.81 6.95 38.79
N LYS A 109 -5.09 7.35 38.86
CA LYS A 109 -5.48 8.72 38.55
C LYS A 109 -4.78 9.72 39.47
N ALA A 110 -4.53 9.32 40.71
CA ALA A 110 -3.93 10.20 41.72
C ALA A 110 -2.46 10.49 41.45
N ASP A 111 -1.87 9.73 40.54
CA ASP A 111 -0.43 9.76 40.29
C ASP A 111 -0.14 10.40 38.95
N VAL A 112 -1.18 10.87 38.27
CA VAL A 112 -1.02 11.47 36.96
C VAL A 112 -0.07 12.67 36.95
N GLU A 113 -0.11 13.49 37.99
CA GLU A 113 0.82 14.62 38.03
C GLU A 113 2.25 14.17 38.32
N LYS A 114 2.40 13.03 38.99
CA LYS A 114 3.71 12.49 39.33
C LYS A 114 4.44 11.91 38.12
N TYR A 115 3.81 10.96 37.44
CA TYR A 115 4.46 10.26 36.32
C TYR A 115 4.43 11.05 35.01
N LYS A 116 5.29 12.07 34.94
CA LYS A 116 5.39 12.94 33.76
C LYS A 116 6.73 12.76 33.03
N ASP A 117 7.72 12.17 33.70
CA ASP A 117 9.01 11.95 33.04
C ASP A 117 9.67 10.62 33.37
N LEU A 118 10.82 10.40 32.75
CA LEU A 118 11.55 9.16 32.91
C LEU A 118 12.08 9.02 34.32
N THR A 119 12.44 10.15 34.92
CA THR A 119 13.02 10.20 36.25
C THR A 119 12.05 9.66 37.32
N SER A 120 10.78 10.02 37.17
CA SER A 120 9.71 9.56 38.06
C SER A 120 9.49 8.03 38.00
N LEU A 121 9.58 7.47 36.80
CA LEU A 121 9.41 6.02 36.60
C LEU A 121 10.57 5.19 37.13
N GLU A 122 11.78 5.76 37.13
CA GLU A 122 13.00 5.01 37.48
C GLU A 122 13.00 4.40 38.88
N SER A 123 12.26 4.99 39.80
N SER A 123 12.26 5.00 39.80
CA SER A 123 12.22 4.48 41.16
CA SER A 123 12.21 4.51 41.18
C SER A 123 10.88 3.80 41.46
C SER A 123 10.88 3.80 41.45
N ALA A 124 10.01 3.80 40.45
CA ALA A 124 8.71 3.15 40.57
C ALA A 124 8.78 1.69 40.20
N ASN A 125 7.77 0.96 40.64
CA ASN A 125 7.60 -0.42 40.29
C ASN A 125 6.77 -0.54 39.02
N ILE A 126 7.41 -0.95 37.93
CA ILE A 126 6.79 -0.98 36.61
C ILE A 126 6.46 -2.40 36.21
N ALA A 127 5.35 -2.58 35.50
CA ALA A 127 5.04 -3.86 34.90
C ALA A 127 4.86 -3.75 33.39
N ALA A 128 5.15 -4.83 32.69
CA ALA A 128 4.95 -4.93 31.25
C ALA A 128 4.65 -6.40 30.93
N GLN A 129 4.14 -6.68 29.74
CA GLN A 129 3.78 -8.06 29.38
C GLN A 129 5.00 -8.85 28.87
N LYS A 130 5.18 -10.08 29.34
CA LYS A 130 6.25 -10.97 28.85
C LYS A 130 6.22 -11.14 27.34
N GLY A 131 7.38 -11.01 26.71
CA GLY A 131 7.52 -11.24 25.28
C GLY A 131 7.06 -10.12 24.38
N THR A 132 6.89 -8.91 24.91
CA THR A 132 6.37 -7.79 24.14
C THR A 132 7.35 -6.65 23.94
N VAL A 133 7.05 -5.80 22.97
CA VAL A 133 7.81 -4.57 22.72
C VAL A 133 7.75 -3.57 23.90
N PRO A 134 6.55 -3.32 24.48
CA PRO A 134 6.54 -2.51 25.70
C PRO A 134 7.46 -3.00 26.84
N GLU A 135 7.59 -4.32 27.01
CA GLU A 135 8.54 -4.87 27.98
C GLU A 135 10.00 -4.54 27.62
N SER A 136 10.35 -4.68 26.35
CA SER A 136 11.71 -4.45 25.89
C SER A 136 12.12 -2.99 26.03
N MET A 137 11.18 -2.09 25.73
CA MET A 137 11.44 -0.66 25.85
C MET A 137 11.85 -0.26 27.28
N VAL A 138 11.19 -0.82 28.30
CA VAL A 138 11.53 -0.54 29.70
C VAL A 138 12.90 -1.12 30.04
N LYS A 139 13.11 -2.37 29.64
CA LYS A 139 14.40 -3.04 29.83
C LYS A 139 15.53 -2.22 29.22
N GLU A 140 15.32 -1.74 28.00
CA GLU A 140 16.32 -1.00 27.23
C GLU A 140 16.51 0.46 27.70
N GLN A 141 15.42 1.16 27.93
CA GLN A 141 15.51 2.58 28.25
C GLN A 141 15.51 2.91 29.74
N LEU A 142 14.92 2.03 30.55
CA LEU A 142 14.90 2.24 31.99
C LEU A 142 15.46 1.03 32.75
N PRO A 143 16.73 0.66 32.49
CA PRO A 143 17.32 -0.58 33.05
C PRO A 143 17.46 -0.64 34.58
N LYS A 144 17.34 0.51 35.25
CA LYS A 144 17.41 0.60 36.72
C LYS A 144 16.03 0.75 37.39
N ALA A 145 14.99 0.81 36.57
CA ALA A 145 13.61 0.71 37.05
C ALA A 145 13.33 -0.75 37.43
N GLN A 146 12.50 -0.95 38.44
CA GLN A 146 12.13 -2.28 38.87
C GLN A 146 11.05 -2.79 37.90
N LEU A 147 11.41 -3.75 37.06
CA LEU A 147 10.43 -4.25 36.09
C LEU A 147 9.94 -5.62 36.48
N THR A 148 8.62 -5.76 36.59
CA THR A 148 7.98 -7.05 36.75
C THR A 148 7.33 -7.43 35.43
N SER A 149 7.76 -8.54 34.83
CA SER A 149 7.17 -9.03 33.59
C SER A 149 6.06 -10.00 33.92
N LEU A 150 4.88 -9.79 33.36
CA LEU A 150 3.76 -10.68 33.67
C LEU A 150 3.17 -11.27 32.39
N THR A 151 2.74 -12.52 32.46
CA THR A 151 2.23 -13.21 31.27
C THR A 151 0.94 -12.60 30.69
N ASN A 152 0.02 -12.26 31.59
CA ASN A 152 -1.32 -11.80 31.23
C ASN A 152 -1.48 -10.32 31.56
N MET A 153 -1.96 -9.52 30.59
CA MET A 153 -2.12 -8.07 30.80
C MET A 153 -3.15 -7.71 31.91
N GLY A 154 -4.22 -8.47 32.04
CA GLY A 154 -5.19 -8.21 33.09
C GLY A 154 -4.54 -8.34 34.47
N GLU A 155 -3.70 -9.36 34.63
CA GLU A 155 -2.95 -9.57 35.87
C GLU A 155 -2.05 -8.38 36.18
N ALA A 156 -1.44 -7.78 35.17
CA ALA A 156 -0.65 -6.56 35.41
C ALA A 156 -1.52 -5.41 35.92
N VAL A 157 -2.68 -5.22 35.32
CA VAL A 157 -3.56 -4.13 35.75
C VAL A 157 -4.11 -4.41 37.15
N ASN A 158 -4.33 -5.69 37.46
CA ASN A 158 -4.77 -6.09 38.79
C ASN A 158 -3.73 -5.72 39.84
N GLU A 159 -2.45 -5.90 39.51
CA GLU A 159 -1.39 -5.56 40.46
C GLU A 159 -1.25 -4.04 40.63
N LEU A 160 -1.49 -3.32 39.54
CA LEU A 160 -1.60 -1.87 39.57
C LEU A 160 -2.70 -1.43 40.56
N GLN A 161 -3.92 -1.92 40.36
CA GLN A 161 -5.02 -1.63 41.28
C GLN A 161 -4.75 -2.01 42.74
N ALA A 162 -4.01 -3.11 42.96
CA ALA A 162 -3.68 -3.52 44.32
C ALA A 162 -2.50 -2.73 44.89
N GLY A 163 -1.90 -1.90 44.04
CA GLY A 163 -0.79 -1.06 44.43
C GLY A 163 0.56 -1.75 44.48
N LYS A 164 0.63 -3.00 44.02
CA LYS A 164 1.92 -3.70 43.93
C LYS A 164 2.75 -3.10 42.78
N ILE A 165 2.05 -2.64 41.75
CA ILE A 165 2.65 -1.99 40.59
C ILE A 165 2.20 -0.52 40.53
N ASP A 166 3.10 0.38 40.11
CA ASP A 166 2.80 1.80 40.05
C ASP A 166 2.47 2.26 38.64
N ALA A 167 3.01 1.58 37.64
CA ALA A 167 2.74 1.90 36.22
C ALA A 167 2.84 0.67 35.31
N VAL A 168 1.92 0.55 34.34
CA VAL A 168 1.92 -0.58 33.40
C VAL A 168 2.11 -0.08 31.97
N HIS A 169 3.15 -0.59 31.32
CA HIS A 169 3.46 -0.17 29.98
C HIS A 169 2.67 -1.04 28.99
N MET A 170 2.00 -0.41 28.03
CA MET A 170 1.10 -1.12 27.12
C MET A 170 0.77 -0.29 25.89
N ASP A 171 0.15 -0.89 24.88
CA ASP A 171 -0.24 -0.12 23.70
C ASP A 171 -1.26 0.91 24.14
N GLU A 172 -1.15 2.12 23.60
CA GLU A 172 -2.01 3.20 24.05
C GLU A 172 -3.53 2.94 23.94
N PRO A 173 -3.99 2.30 22.85
CA PRO A 173 -5.45 2.07 22.81
C PRO A 173 -5.95 1.22 23.98
N VAL A 174 -5.10 0.33 24.48
CA VAL A 174 -5.44 -0.51 25.61
C VAL A 174 -5.46 0.29 26.92
N ALA A 175 -4.49 1.18 27.09
CA ALA A 175 -4.43 2.05 28.26
C ALA A 175 -5.64 3.01 28.29
N LEU A 176 -6.03 3.50 27.13
CA LEU A 176 -7.17 4.39 27.01
C LEU A 176 -8.48 3.68 27.30
N SER A 177 -8.51 2.40 26.99
CA SER A 177 -9.69 1.60 27.24
C SER A 177 -9.86 1.34 28.73
N TYR A 178 -8.79 0.89 29.39
CA TYR A 178 -8.80 0.72 30.86
C TYR A 178 -9.15 2.02 31.57
N ALA A 179 -8.51 3.12 31.18
CA ALA A 179 -8.75 4.43 31.78
C ALA A 179 -10.20 4.92 31.61
N ALA A 180 -10.80 4.60 30.46
CA ALA A 180 -12.18 5.01 30.19
C ALA A 180 -13.20 4.14 30.93
N LYS A 181 -12.89 2.86 31.12
CA LYS A 181 -13.84 1.93 31.73
C LYS A 181 -13.73 1.91 33.25
N ASN A 182 -12.67 2.49 33.80
CA ASN A 182 -12.43 2.41 35.25
C ASN A 182 -12.09 3.75 35.89
N ALA A 183 -12.83 4.12 36.94
N ALA A 183 -12.86 4.09 36.91
CA ALA A 183 -12.75 5.47 37.50
CA ALA A 183 -12.55 5.21 37.77
C ALA A 183 -11.36 5.93 37.98
C ALA A 183 -11.26 4.87 38.52
N GLY A 184 -10.61 5.03 38.63
N GLY A 184 -10.39 5.86 38.66
CA GLY A 184 -9.37 5.39 39.30
CA GLY A 184 -9.14 5.68 39.37
C GLY A 184 -8.09 5.05 38.55
C GLY A 184 -7.96 5.43 38.45
N LEU A 185 -8.19 4.92 37.24
CA LEU A 185 -7.05 4.65 36.36
C LEU A 185 -6.93 5.73 35.27
N ALA A 186 -5.71 5.99 34.79
CA ALA A 186 -5.50 7.03 33.81
C ALA A 186 -4.28 6.73 32.99
N VAL A 187 -4.16 7.40 31.85
CA VAL A 187 -3.00 7.25 30.99
C VAL A 187 -1.99 8.33 31.35
N ALA A 188 -0.75 7.95 31.61
CA ALA A 188 0.26 8.94 31.99
C ALA A 188 0.71 9.79 30.81
N THR A 189 1.33 10.92 31.08
CA THR A 189 1.85 11.78 30.02
C THR A 189 3.27 11.36 29.59
N VAL A 190 4.00 10.70 30.50
CA VAL A 190 5.34 10.21 30.20
C VAL A 190 5.26 9.16 29.10
N SER A 191 6.23 9.19 28.17
CA SER A 191 6.32 8.13 27.17
C SER A 191 7.78 7.84 26.86
N LEU A 192 8.08 6.60 26.46
CA LEU A 192 9.43 6.24 26.03
C LEU A 192 9.58 6.47 24.52
N LYS A 193 10.82 6.45 24.04
CA LYS A 193 11.11 6.62 22.61
C LYS A 193 10.62 5.39 21.86
N MET A 194 9.82 5.61 20.82
N MET A 194 9.82 5.61 20.82
CA MET A 194 9.20 4.52 20.06
CA MET A 194 9.20 4.52 20.06
C MET A 194 9.72 4.48 18.61
C MET A 194 9.70 4.48 18.61
N LYS A 195 9.79 3.28 18.05
CA LYS A 195 10.31 3.11 16.67
C LYS A 195 9.30 3.46 15.58
N ASP A 196 9.73 4.30 14.64
CA ASP A 196 8.92 4.72 13.51
C ASP A 196 8.59 3.55 12.57
N GLY A 197 7.31 3.39 12.26
CA GLY A 197 6.87 2.39 11.31
C GLY A 197 6.61 1.02 11.91
N ASP A 198 7.00 0.84 13.17
CA ASP A 198 6.66 -0.38 13.92
C ASP A 198 5.19 -0.33 14.34
N ALA A 199 4.35 -0.74 13.41
CA ALA A 199 2.93 -0.64 13.58
C ALA A 199 2.44 -2.05 13.78
N ASN A 200 1.14 -2.17 14.04
CA ASN A 200 0.51 -3.48 14.16
C ASN A 200 0.31 -4.15 12.80
N ALA A 201 0.67 -5.43 12.73
CA ALA A 201 0.54 -6.20 11.49
C ALA A 201 0.16 -7.64 11.82
N VAL A 202 -0.35 -8.37 10.83
CA VAL A 202 -0.68 -9.79 10.98
C VAL A 202 0.59 -10.58 10.69
N ALA A 203 0.94 -11.56 11.52
CA ALA A 203 2.15 -12.32 11.28
C ALA A 203 1.81 -13.63 10.58
N LEU A 204 2.71 -14.06 9.69
CA LEU A 204 2.56 -15.32 8.97
C LEU A 204 3.90 -16.04 9.06
N ARG A 205 3.91 -17.36 8.83
CA ARG A 205 5.17 -18.06 8.65
C ARG A 205 5.78 -17.60 7.34
N LYS A 206 7.09 -17.67 7.22
CA LYS A 206 7.74 -17.25 5.97
C LYS A 206 7.34 -18.13 4.77
N ASN A 207 7.47 -17.57 3.57
CA ASN A 207 7.04 -18.20 2.31
C ASN A 207 5.56 -18.57 2.30
N SER A 208 4.72 -17.64 2.77
CA SER A 208 3.29 -17.83 2.73
C SER A 208 2.71 -16.76 1.85
N ASP A 209 3.34 -16.55 0.70
CA ASP A 209 3.02 -15.40 -0.13
C ASP A 209 1.60 -15.38 -0.67
N ASP A 210 1.02 -16.54 -0.94
CA ASP A 210 -0.34 -16.58 -1.44
C ASP A 210 -1.34 -16.07 -0.39
N LEU A 211 -1.16 -16.51 0.85
CA LEU A 211 -2.01 -16.09 1.95
C LEU A 211 -1.70 -14.63 2.35
N LYS A 212 -0.44 -14.22 2.30
CA LYS A 212 -0.06 -12.83 2.56
C LYS A 212 -0.82 -11.87 1.62
N GLU A 213 -0.96 -12.26 0.36
CA GLU A 213 -1.65 -11.42 -0.62
C GLU A 213 -3.10 -11.18 -0.25
N VAL A 214 -3.80 -12.23 0.15
CA VAL A 214 -5.18 -12.10 0.59
C VAL A 214 -5.31 -11.23 1.83
N VAL A 215 -4.41 -11.44 2.79
CA VAL A 215 -4.44 -10.69 4.03
C VAL A 215 -4.19 -9.22 3.72
N ASP A 216 -3.24 -8.97 2.83
CA ASP A 216 -2.90 -7.60 2.43
C ASP A 216 -4.08 -6.91 1.71
N LYS A 217 -4.77 -7.64 0.85
CA LYS A 217 -5.91 -7.12 0.11
C LYS A 217 -7.03 -6.66 1.05
N VAL A 218 -7.31 -7.48 2.05
CA VAL A 218 -8.35 -7.18 3.04
C VAL A 218 -7.93 -5.99 3.90
N ILE A 219 -6.69 -6.00 4.40
CA ILE A 219 -6.20 -4.91 5.21
C ILE A 219 -6.27 -3.59 4.42
N GLN A 220 -5.80 -3.59 3.18
CA GLN A 220 -5.82 -2.38 2.37
C GLN A 220 -7.24 -1.84 2.23
N LYS A 221 -8.20 -2.73 1.98
CA LYS A 221 -9.59 -2.31 1.88
C LYS A 221 -10.13 -1.78 3.19
N LEU A 222 -9.75 -2.38 4.30
CA LEU A 222 -10.21 -1.88 5.61
C LEU A 222 -9.66 -0.48 5.90
N LYS A 223 -8.35 -0.29 5.66
CA LYS A 223 -7.75 1.02 5.84
C LYS A 223 -8.35 2.07 4.89
N ASP A 224 -8.64 1.68 3.64
CA ASP A 224 -9.18 2.61 2.66
C ASP A 224 -10.60 3.03 3.04
N GLU A 225 -11.32 2.16 3.74
CA GLU A 225 -12.70 2.47 4.09
C GLU A 225 -12.84 3.04 5.51
N GLY A 226 -11.71 3.15 6.21
CA GLY A 226 -11.70 3.64 7.58
C GLY A 226 -12.23 2.60 8.56
N THR A 227 -12.26 1.35 8.13
CA THR A 227 -12.98 0.30 8.86
C THR A 227 -12.24 -0.21 10.12
N TYR A 228 -10.91 -0.29 10.09
CA TYR A 228 -10.22 -0.72 11.29
C TYR A 228 -10.50 0.27 12.42
N GLN A 229 -10.37 1.55 12.12
CA GLN A 229 -10.73 2.59 13.10
C GLN A 229 -12.16 2.41 13.59
N SER A 230 -13.10 2.11 12.70
CA SER A 230 -14.49 1.90 13.12
C SER A 230 -14.64 0.63 13.97
N TYR A 231 -13.84 -0.39 13.69
CA TYR A 231 -13.84 -1.61 14.50
C TYR A 231 -13.42 -1.32 15.94
N LEU A 232 -12.36 -0.52 16.11
CA LEU A 232 -11.84 -0.15 17.42
C LEU A 232 -12.87 0.62 18.23
N GLU A 233 -13.62 1.50 17.57
CA GLU A 233 -14.63 2.30 18.25
C GLU A 233 -15.84 1.48 18.68
N LYS A 234 -16.26 0.55 17.83
CA LYS A 234 -17.23 -0.49 18.19
C LYS A 234 -16.77 -1.31 19.41
N ALA A 235 -15.50 -1.72 19.41
CA ALA A 235 -14.95 -2.52 20.50
C ALA A 235 -14.97 -1.76 21.79
N ALA A 236 -14.67 -0.47 21.73
CA ALA A 236 -14.59 0.34 22.94
C ALA A 236 -15.96 0.53 23.54
N SER A 237 -17.00 0.26 22.77
N SER A 237 -17.00 0.26 22.76
CA SER A 237 -18.36 0.31 23.28
CA SER A 237 -18.38 0.30 23.27
C SER A 237 -18.68 -0.92 24.12
C SER A 237 -18.70 -0.94 24.09
N LEU A 238 -17.99 -2.03 23.86
CA LEU A 238 -18.29 -3.30 24.49
C LEU A 238 -17.70 -3.44 25.90
N THR A 239 -18.32 -4.36 26.64
CA THR A 239 -18.04 -4.64 28.06
C THR A 239 -17.12 -5.86 28.24
N GLU A 240 -15.98 -5.64 28.90
CA GLU A 240 -15.01 -6.71 29.14
C GLU A 240 -15.53 -7.70 30.20
N VAL A 241 -14.86 -8.85 30.35
CA VAL A 241 -15.30 -9.88 31.27
C VAL A 241 -14.16 -10.34 32.20
N GLN B 2 6.28 22.76 -12.78
CA GLN B 2 4.94 23.32 -12.60
C GLN B 2 4.58 23.34 -11.12
N SER B 3 4.63 22.16 -10.51
CA SER B 3 4.26 21.95 -9.13
C SER B 3 5.13 20.83 -8.55
N ALA B 4 6.43 20.93 -8.79
CA ALA B 4 7.41 20.10 -8.11
C ALA B 4 7.32 20.45 -6.62
N VAL B 5 7.78 19.57 -5.75
CA VAL B 5 7.74 19.85 -4.32
C VAL B 5 8.44 21.18 -4.00
N GLU B 6 9.61 21.40 -4.58
CA GLU B 6 10.34 22.63 -4.27
C GLU B 6 9.74 23.89 -4.89
N ALA B 7 9.04 23.77 -6.00
CA ALA B 7 8.29 24.90 -6.53
C ALA B 7 7.24 25.36 -5.51
N ILE B 8 6.59 24.39 -4.87
CA ILE B 8 5.58 24.68 -3.86
C ILE B 8 6.24 25.32 -2.64
N LYS B 9 7.38 24.79 -2.20
CA LYS B 9 8.09 25.39 -1.07
C LYS B 9 8.59 26.78 -1.43
N GLN B 10 9.04 26.95 -2.67
CA GLN B 10 9.51 28.24 -3.18
C GLN B 10 8.40 29.28 -3.10
N LYS B 11 7.21 28.88 -3.50
CA LYS B 11 6.05 29.77 -3.52
C LYS B 11 5.50 30.00 -2.14
N GLY B 12 5.78 29.08 -1.23
CA GLY B 12 5.28 29.15 0.13
C GLY B 12 3.80 28.87 0.29
N LYS B 13 3.14 28.39 -0.77
CA LYS B 13 1.71 28.08 -0.66
C LYS B 13 1.39 26.78 -1.38
N LEU B 14 0.43 26.04 -0.84
CA LEU B 14 -0.14 24.87 -1.49
C LEU B 14 -1.55 25.27 -1.84
N VAL B 15 -1.79 25.45 -3.14
CA VAL B 15 -3.11 25.83 -3.62
C VAL B 15 -3.92 24.58 -3.96
N VAL B 16 -5.07 24.43 -3.31
CA VAL B 16 -5.91 23.24 -3.44
C VAL B 16 -7.30 23.64 -3.93
N ALA B 17 -7.73 23.10 -5.06
CA ALA B 17 -9.07 23.38 -5.59
C ALA B 17 -10.10 22.45 -4.98
N THR B 18 -11.24 23.02 -4.57
CA THR B 18 -12.30 22.25 -3.97
C THR B 18 -13.67 22.88 -4.20
N SER B 19 -14.72 22.13 -3.88
CA SER B 19 -16.10 22.59 -4.05
C SER B 19 -16.82 22.37 -2.73
N PRO B 20 -16.92 23.42 -1.90
CA PRO B 20 -17.38 23.21 -0.53
C PRO B 20 -18.89 23.12 -0.36
N ASP B 21 -19.52 22.14 -1.01
CA ASP B 21 -20.96 21.93 -0.92
C ASP B 21 -21.22 20.49 -0.58
N TYR B 22 -20.35 19.93 0.26
CA TYR B 22 -20.22 18.47 0.35
C TYR B 22 -19.77 17.99 1.74
N ALA B 23 -20.47 18.40 2.79
CA ALA B 23 -20.20 17.87 4.13
C ALA B 23 -20.41 16.35 4.16
N PRO B 24 -19.50 15.60 4.79
CA PRO B 24 -18.40 16.00 5.68
C PRO B 24 -17.03 16.15 5.01
N PHE B 25 -16.99 16.05 3.68
CA PHE B 25 -15.74 16.19 2.96
C PHE B 25 -15.22 17.64 2.94
N GLU B 26 -16.04 18.56 2.45
CA GLU B 26 -15.73 19.99 2.51
C GLU B 26 -17.01 20.78 2.54
N PHE B 27 -17.03 21.79 3.41
CA PHE B 27 -18.22 22.62 3.54
C PHE B 27 -17.89 23.91 4.25
N GLN B 28 -18.89 24.78 4.30
CA GLN B 28 -18.78 26.08 4.92
C GLN B 28 -19.35 26.01 6.31
N SER B 29 -18.56 26.44 7.29
CA SER B 29 -18.98 26.46 8.69
C SER B 29 -18.59 27.79 9.30
N LEU B 30 -19.24 28.14 10.41
CA LEU B 30 -18.87 29.36 11.12
C LEU B 30 -17.98 29.01 12.31
N VAL B 31 -16.68 28.92 12.05
CA VAL B 31 -15.68 28.55 13.05
C VAL B 31 -15.42 29.72 14.00
N ASP B 32 -16.42 30.01 14.84
CA ASP B 32 -16.42 31.17 15.74
C ASP B 32 -15.90 32.44 15.07
N GLY B 33 -16.73 33.07 14.25
CA GLY B 33 -16.35 34.24 13.49
C GLY B 33 -17.00 34.25 12.12
N LYS B 34 -16.20 33.94 11.09
CA LYS B 34 -16.73 33.91 9.73
C LYS B 34 -16.62 32.52 9.09
N ASN B 35 -17.31 32.38 7.96
CA ASN B 35 -17.24 31.20 7.11
C ASN B 35 -15.83 30.86 6.67
N GLN B 36 -15.36 29.69 7.09
CA GLN B 36 -14.14 29.11 6.58
C GLN B 36 -14.58 27.81 5.92
N VAL B 37 -13.83 27.33 4.94
CA VAL B 37 -14.09 26.00 4.40
C VAL B 37 -13.50 25.00 5.40
N VAL B 38 -14.31 24.06 5.86
CA VAL B 38 -13.87 23.03 6.78
C VAL B 38 -14.25 21.66 6.22
N GLY B 39 -13.83 20.59 6.89
CA GLY B 39 -14.16 19.24 6.46
C GLY B 39 -12.97 18.30 6.44
N ALA B 40 -13.21 17.00 6.30
CA ALA B 40 -12.12 16.02 6.37
C ALA B 40 -11.10 16.19 5.25
N ASP B 41 -11.56 16.60 4.07
CA ASP B 41 -10.66 16.87 2.95
C ASP B 41 -9.78 18.06 3.24
N ILE B 42 -10.31 19.02 4.01
CA ILE B 42 -9.56 20.23 4.37
C ILE B 42 -8.52 19.94 5.44
N ASP B 43 -8.90 19.10 6.42
CA ASP B 43 -7.94 18.64 7.44
C ASP B 43 -6.80 17.87 6.82
N MET B 44 -7.12 17.04 5.83
CA MET B 44 -6.07 16.30 5.13
C MET B 44 -5.16 17.21 4.30
N ALA B 45 -5.75 18.19 3.61
CA ALA B 45 -4.98 19.17 2.88
C ALA B 45 -4.09 19.98 3.83
N GLN B 46 -4.62 20.31 5.01
CA GLN B 46 -3.82 21.02 6.00
C GLN B 46 -2.62 20.18 6.45
N ALA B 47 -2.85 18.88 6.62
CA ALA B 47 -1.77 17.94 6.95
C ALA B 47 -0.67 17.93 5.87
N ILE B 48 -1.06 17.97 4.60
CA ILE B 48 -0.07 17.97 3.52
C ILE B 48 0.74 19.28 3.51
N ALA B 49 0.06 20.40 3.73
CA ALA B 49 0.73 21.70 3.76
C ALA B 49 1.66 21.83 4.96
N ASP B 50 1.28 21.24 6.09
CA ASP B 50 2.13 21.22 7.28
C ASP B 50 3.40 20.40 7.05
N GLU B 51 3.23 19.22 6.46
CA GLU B 51 4.35 18.38 6.06
C GLU B 51 5.32 19.19 5.23
N LEU B 52 4.79 19.99 4.31
CA LEU B 52 5.61 20.79 3.39
C LEU B 52 6.12 22.10 4.00
N GLY B 53 5.54 22.50 5.13
CA GLY B 53 5.86 23.76 5.77
C GLY B 53 5.42 24.98 4.97
N VAL B 54 4.27 24.88 4.30
CA VAL B 54 3.76 25.97 3.46
C VAL B 54 2.34 26.36 3.87
N LYS B 55 1.90 27.54 3.43
CA LYS B 55 0.56 28.04 3.74
CA LYS B 55 0.57 28.06 3.72
C LYS B 55 -0.50 27.37 2.87
N LEU B 56 -1.53 26.83 3.50
CA LEU B 56 -2.61 26.18 2.76
C LEU B 56 -3.56 27.24 2.23
N GLU B 57 -3.87 27.17 0.94
CA GLU B 57 -4.81 28.08 0.34
C GLU B 57 -5.91 27.32 -0.36
N ILE B 58 -7.13 27.44 0.14
CA ILE B 58 -8.25 26.74 -0.45
C ILE B 58 -8.89 27.60 -1.53
N LEU B 59 -8.99 27.04 -2.74
CA LEU B 59 -9.62 27.72 -3.85
C LEU B 59 -11.01 27.11 -4.13
N SER B 60 -12.06 27.83 -3.75
CA SER B 60 -13.42 27.32 -3.84
C SER B 60 -14.11 27.60 -5.17
N MET B 61 -14.72 26.58 -5.75
CA MET B 61 -15.43 26.73 -7.02
C MET B 61 -16.50 25.67 -7.15
N SER B 62 -17.22 25.65 -8.26
CA SER B 62 -18.19 24.58 -8.48
C SER B 62 -17.46 23.32 -8.84
N PHE B 63 -18.04 22.15 -8.52
CA PHE B 63 -17.33 20.90 -8.74
C PHE B 63 -16.92 20.67 -10.20
N ASP B 64 -17.79 21.02 -11.15
CA ASP B 64 -17.51 20.74 -12.55
C ASP B 64 -16.36 21.60 -13.09
N ASN B 65 -15.82 22.50 -12.26
CA ASN B 65 -14.64 23.31 -12.62
C ASN B 65 -13.34 22.95 -11.86
N VAL B 66 -13.46 22.08 -10.86
CA VAL B 66 -12.33 21.72 -10.02
C VAL B 66 -11.18 21.06 -10.81
N LEU B 67 -11.46 20.00 -11.56
CA LEU B 67 -10.41 19.33 -12.31
C LEU B 67 -9.89 20.17 -13.45
N THR B 68 -10.77 20.91 -14.10
CA THR B 68 -10.34 21.90 -15.13
C THR B 68 -9.34 22.93 -14.58
N SER B 69 -9.64 23.50 -13.42
N SER B 69 -9.66 23.51 -13.41
CA SER B 69 -8.76 24.52 -12.86
CA SER B 69 -8.78 24.50 -12.81
C SER B 69 -7.42 23.90 -12.49
C SER B 69 -7.42 23.90 -12.49
N LEU B 70 -7.43 22.63 -12.09
CA LEU B 70 -6.18 21.93 -11.79
C LEU B 70 -5.38 21.75 -13.07
N GLN B 71 -6.06 21.31 -14.11
CA GLN B 71 -5.45 21.09 -15.42
C GLN B 71 -4.78 22.33 -16.01
N THR B 72 -5.44 23.47 -15.90
CA THR B 72 -4.96 24.70 -16.51
C THR B 72 -4.01 25.51 -15.62
N GLY B 73 -3.75 25.03 -14.42
CA GLY B 73 -2.69 25.59 -13.59
C GLY B 73 -3.12 26.49 -12.45
N LYS B 74 -4.42 26.52 -12.17
CA LYS B 74 -4.97 27.39 -11.14
C LYS B 74 -4.72 26.87 -9.71
N ALA B 75 -4.46 25.58 -9.59
CA ALA B 75 -4.27 24.96 -8.29
C ALA B 75 -3.12 23.96 -8.37
N ASP B 76 -2.55 23.58 -7.23
CA ASP B 76 -1.50 22.55 -7.18
C ASP B 76 -2.08 21.14 -7.07
N LEU B 77 -3.18 21.03 -6.32
CA LEU B 77 -3.91 19.77 -6.14
C LEU B 77 -5.40 20.05 -6.25
N ALA B 78 -6.16 19.01 -6.54
CA ALA B 78 -7.60 19.07 -6.40
C ALA B 78 -7.98 18.04 -5.34
N VAL B 79 -8.70 18.48 -4.33
CA VAL B 79 -9.20 17.61 -3.28
C VAL B 79 -10.66 17.99 -3.03
N ALA B 80 -11.58 17.12 -3.44
CA ALA B 80 -13.00 17.44 -3.43
C ALA B 80 -13.85 16.17 -3.50
N GLY B 81 -13.48 15.16 -2.71
CA GLY B 81 -14.21 13.89 -2.74
C GLY B 81 -14.19 13.31 -4.14
N ILE B 82 -13.05 13.38 -4.78
CA ILE B 82 -12.90 13.02 -6.19
C ILE B 82 -12.65 11.52 -6.44
N SER B 83 -13.59 10.86 -7.10
CA SER B 83 -13.42 9.47 -7.49
C SER B 83 -12.32 9.32 -8.54
N ALA B 84 -11.38 8.41 -8.29
CA ALA B 84 -10.30 8.20 -9.23
C ALA B 84 -10.68 7.20 -10.31
N THR B 85 -11.42 7.64 -11.32
CA THR B 85 -11.88 6.74 -12.37
C THR B 85 -10.86 6.53 -13.48
N ASP B 86 -11.06 5.49 -14.27
CA ASP B 86 -10.18 5.19 -15.39
C ASP B 86 -10.13 6.35 -16.36
N GLU B 87 -11.30 6.89 -16.70
CA GLU B 87 -11.42 8.04 -17.59
C GLU B 87 -10.60 9.24 -17.10
N ARG B 88 -10.65 9.52 -15.80
CA ARG B 88 -9.94 10.68 -15.26
C ARG B 88 -8.44 10.45 -15.20
N LYS B 89 -8.03 9.19 -15.01
CA LYS B 89 -6.61 8.85 -14.94
C LYS B 89 -5.89 9.02 -16.26
N GLU B 90 -6.65 9.13 -17.34
CA GLU B 90 -6.06 9.45 -18.62
C GLU B 90 -5.62 10.90 -18.71
N VAL B 91 -6.18 11.75 -17.85
CA VAL B 91 -5.86 13.18 -17.85
C VAL B 91 -5.03 13.60 -16.63
N PHE B 92 -5.32 12.99 -15.48
CA PHE B 92 -4.67 13.36 -14.22
C PHE B 92 -3.89 12.22 -13.60
N ASP B 93 -2.92 12.57 -12.77
CA ASP B 93 -2.36 11.60 -11.83
C ASP B 93 -3.21 11.64 -10.57
N PHE B 94 -3.27 10.51 -9.87
CA PHE B 94 -3.94 10.44 -8.58
C PHE B 94 -3.05 9.90 -7.50
N SER B 95 -3.26 10.38 -6.28
CA SER B 95 -2.65 9.78 -5.11
C SER B 95 -3.22 8.38 -4.90
N ILE B 96 -2.60 7.61 -4.03
CA ILE B 96 -3.26 6.45 -3.44
C ILE B 96 -4.60 6.90 -2.79
N PRO B 97 -5.62 6.02 -2.76
CA PRO B 97 -6.92 6.42 -2.19
C PRO B 97 -6.75 6.86 -0.75
N TYR B 98 -7.48 7.88 -0.31
CA TYR B 98 -7.49 8.25 1.10
C TYR B 98 -8.79 7.81 1.79
N TYR B 99 -9.84 7.57 1.01
CA TYR B 99 -11.09 7.06 1.59
C TYR B 99 -11.89 6.41 0.48
N GLU B 100 -12.56 5.31 0.79
CA GLU B 100 -13.49 4.70 -0.18
C GLU B 100 -14.89 4.60 0.43
N ASN B 101 -15.92 4.88 -0.36
CA ASN B 101 -17.29 4.80 0.15
C ASN B 101 -18.33 4.40 -0.91
N LYS B 102 -19.58 4.25 -0.47
CA LYS B 102 -20.68 3.93 -1.37
C LYS B 102 -21.36 5.18 -1.92
N ILE B 103 -22.23 4.99 -2.90
CA ILE B 103 -22.99 6.07 -3.52
C ILE B 103 -24.48 5.77 -3.36
N SER B 104 -25.23 6.74 -2.84
CA SER B 104 -26.61 6.53 -2.38
C SER B 104 -27.56 7.61 -2.88
N PHE B 105 -28.86 7.39 -2.65
CA PHE B 105 -29.89 8.40 -2.94
C PHE B 105 -30.44 9.05 -1.68
N LEU B 106 -30.53 10.38 -1.70
CA LEU B 106 -31.20 11.14 -0.66
C LEU B 106 -32.65 11.39 -1.11
N VAL B 107 -33.60 11.10 -0.22
CA VAL B 107 -35.02 11.20 -0.55
C VAL B 107 -35.76 11.80 0.65
N HIS B 108 -37.04 12.10 0.50
CA HIS B 108 -37.84 12.47 1.66
C HIS B 108 -38.04 11.23 2.52
N LYS B 109 -38.00 11.40 3.84
CA LYS B 109 -38.19 10.28 4.77
C LYS B 109 -39.51 9.55 4.50
N ALA B 110 -40.55 10.30 4.14
CA ALA B 110 -41.86 9.75 3.82
C ALA B 110 -41.89 8.96 2.50
N ASP B 111 -40.77 8.94 1.78
CA ASP B 111 -40.65 8.22 0.51
C ASP B 111 -39.67 7.07 0.61
N VAL B 112 -39.09 6.85 1.79
CA VAL B 112 -38.19 5.72 1.97
C VAL B 112 -38.84 4.38 1.61
N GLU B 113 -40.10 4.20 1.98
CA GLU B 113 -40.79 2.96 1.64
C GLU B 113 -41.29 2.94 0.18
N LYS B 114 -41.11 4.05 -0.53
CA LYS B 114 -41.60 4.16 -1.91
C LYS B 114 -40.49 3.80 -2.90
N TYR B 115 -39.29 4.29 -2.62
CA TYR B 115 -38.16 4.16 -3.52
C TYR B 115 -37.30 2.97 -3.08
N LYS B 116 -37.83 1.77 -3.29
CA LYS B 116 -37.15 0.53 -2.87
C LYS B 116 -36.44 -0.21 -4.01
N ASP B 117 -36.70 0.13 -5.27
CA ASP B 117 -36.01 -0.48 -6.41
C ASP B 117 -35.79 0.53 -7.50
N LEU B 118 -34.99 0.18 -8.49
CA LEU B 118 -34.64 1.14 -9.53
C LEU B 118 -35.82 1.49 -10.44
N THR B 119 -36.77 0.57 -10.56
CA THR B 119 -37.95 0.82 -11.41
C THR B 119 -38.75 2.03 -10.92
N SER B 120 -38.85 2.15 -9.60
CA SER B 120 -39.49 3.29 -8.97
C SER B 120 -38.62 4.54 -9.10
N LEU B 121 -37.31 4.37 -9.00
CA LEU B 121 -36.38 5.48 -9.19
C LEU B 121 -36.35 5.93 -10.64
N GLU B 122 -36.63 5.01 -11.56
CA GLU B 122 -36.61 5.36 -12.98
C GLU B 122 -37.74 6.31 -13.39
N SER B 123 -38.90 6.20 -12.74
CA SER B 123 -40.01 7.11 -13.04
C SER B 123 -40.06 8.34 -12.11
N ALA B 124 -39.00 8.52 -11.32
CA ALA B 124 -38.87 9.64 -10.39
C ALA B 124 -37.99 10.75 -10.96
N ASN B 125 -38.21 11.98 -10.49
CA ASN B 125 -37.36 13.11 -10.84
C ASN B 125 -36.05 13.00 -10.06
N ILE B 126 -34.97 12.57 -10.73
CA ILE B 126 -33.67 12.41 -10.08
C ILE B 126 -32.79 13.61 -10.34
N ALA B 127 -32.03 14.03 -9.34
CA ALA B 127 -31.04 15.08 -9.54
C ALA B 127 -29.67 14.48 -9.28
N ALA B 128 -28.66 15.00 -9.96
CA ALA B 128 -27.28 14.64 -9.64
C ALA B 128 -26.42 15.88 -9.91
N GLN B 129 -25.20 15.89 -9.38
CA GLN B 129 -24.31 17.05 -9.58
C GLN B 129 -23.56 17.02 -10.93
N LYS B 130 -23.50 18.15 -11.63
CA LYS B 130 -22.82 18.23 -12.92
C LYS B 130 -21.35 17.80 -12.83
N GLY B 131 -20.90 16.95 -13.76
CA GLY B 131 -19.51 16.54 -13.81
C GLY B 131 -19.05 15.43 -12.88
N THR B 132 -20.00 14.64 -12.35
CA THR B 132 -19.69 13.67 -11.31
C THR B 132 -20.01 12.22 -11.66
N VAL B 133 -19.37 11.31 -10.93
CA VAL B 133 -19.66 9.88 -11.00
C VAL B 133 -21.12 9.52 -10.69
N PRO B 134 -21.72 10.08 -9.62
CA PRO B 134 -23.14 9.77 -9.45
C PRO B 134 -24.07 10.22 -10.59
N GLU B 135 -23.74 11.33 -11.27
CA GLU B 135 -24.52 11.75 -12.43
C GLU B 135 -24.34 10.76 -13.57
N SER B 136 -23.10 10.33 -13.80
CA SER B 136 -22.77 9.35 -14.83
C SER B 136 -23.50 8.05 -14.60
N MET B 137 -23.52 7.59 -13.36
CA MET B 137 -24.18 6.34 -13.00
C MET B 137 -25.68 6.35 -13.33
N VAL B 138 -26.35 7.49 -13.17
CA VAL B 138 -27.78 7.57 -13.50
C VAL B 138 -27.98 7.55 -15.01
N LYS B 139 -27.18 8.32 -15.74
CA LYS B 139 -27.25 8.32 -17.19
C LYS B 139 -26.99 6.91 -17.75
N GLU B 140 -26.00 6.23 -17.19
CA GLU B 140 -25.65 4.84 -17.56
C GLU B 140 -26.75 3.86 -17.21
N GLN B 141 -26.91 3.64 -15.91
CA GLN B 141 -27.82 2.63 -15.40
C GLN B 141 -29.33 2.93 -15.51
N LEU B 142 -29.72 4.21 -15.54
CA LEU B 142 -31.15 4.56 -15.65
C LEU B 142 -31.46 5.53 -16.78
N PRO B 143 -31.23 5.12 -18.03
CA PRO B 143 -31.33 5.99 -19.21
C PRO B 143 -32.72 6.60 -19.46
N LYS B 144 -33.77 5.98 -18.95
CA LYS B 144 -35.12 6.49 -19.22
C LYS B 144 -35.54 7.45 -18.11
N ALA B 145 -34.82 7.43 -17.00
CA ALA B 145 -35.06 8.35 -15.90
C ALA B 145 -34.83 9.79 -16.32
N GLN B 146 -35.71 10.68 -15.89
CA GLN B 146 -35.51 12.10 -16.15
C GLN B 146 -34.58 12.70 -15.10
N LEU B 147 -33.32 12.83 -15.47
CA LEU B 147 -32.29 13.32 -14.56
C LEU B 147 -32.16 14.81 -14.74
N THR B 148 -32.04 15.53 -13.62
CA THR B 148 -31.79 16.96 -13.62
C THR B 148 -30.37 17.14 -13.10
N SER B 149 -29.49 17.71 -13.91
CA SER B 149 -28.11 17.94 -13.47
C SER B 149 -27.94 19.37 -12.98
N LEU B 150 -27.38 19.52 -11.78
CA LEU B 150 -27.22 20.83 -11.18
C LEU B 150 -25.78 21.02 -10.82
N THR B 151 -25.31 22.27 -10.85
CA THR B 151 -23.91 22.55 -10.55
C THR B 151 -23.56 22.42 -9.06
N ASN B 152 -24.46 22.87 -8.21
CA ASN B 152 -24.24 22.95 -6.77
C ASN B 152 -25.11 21.91 -6.05
N MET B 153 -24.51 21.16 -5.13
CA MET B 153 -25.22 20.08 -4.43
C MET B 153 -26.28 20.61 -3.48
N GLY B 154 -25.99 21.76 -2.88
CA GLY B 154 -26.95 22.42 -2.01
C GLY B 154 -28.22 22.80 -2.75
N GLU B 155 -28.09 23.19 -4.01
CA GLU B 155 -29.27 23.50 -4.82
C GLU B 155 -30.06 22.25 -5.16
N ALA B 156 -29.36 21.16 -5.45
CA ALA B 156 -30.01 19.87 -5.62
C ALA B 156 -30.88 19.53 -4.41
N VAL B 157 -30.33 19.72 -3.22
CA VAL B 157 -31.04 19.35 -2.00
C VAL B 157 -32.21 20.31 -1.72
N ASN B 158 -32.06 21.55 -2.13
CA ASN B 158 -33.13 22.53 -1.97
C ASN B 158 -34.30 22.19 -2.87
N GLU B 159 -34.00 21.66 -4.05
CA GLU B 159 -35.04 21.27 -4.99
C GLU B 159 -35.75 19.99 -4.54
N LEU B 160 -35.01 19.09 -3.88
CA LEU B 160 -35.59 17.93 -3.21
C LEU B 160 -36.57 18.37 -2.12
N GLN B 161 -36.16 19.33 -1.29
CA GLN B 161 -37.01 19.82 -0.21
C GLN B 161 -38.26 20.52 -0.73
N ALA B 162 -38.17 21.06 -1.94
CA ALA B 162 -39.27 21.81 -2.53
C ALA B 162 -40.27 20.93 -3.27
N GLY B 163 -39.91 19.67 -3.47
CA GLY B 163 -40.75 18.71 -4.16
C GLY B 163 -40.57 18.68 -5.67
N LYS B 164 -39.65 19.49 -6.19
CA LYS B 164 -39.31 19.49 -7.62
C LYS B 164 -38.47 18.26 -7.95
N ILE B 165 -37.74 17.78 -6.94
CA ILE B 165 -36.90 16.60 -7.07
C ILE B 165 -37.34 15.54 -6.04
N ASP B 166 -37.28 14.28 -6.45
CA ASP B 166 -37.68 13.18 -5.59
C ASP B 166 -36.51 12.41 -5.00
N ALA B 167 -35.38 12.37 -5.68
CA ALA B 167 -34.22 11.69 -5.15
C ALA B 167 -32.94 12.35 -5.67
N VAL B 168 -31.92 12.51 -4.83
CA VAL B 168 -30.65 13.08 -5.25
C VAL B 168 -29.51 12.08 -5.10
N HIS B 169 -28.80 11.82 -6.19
CA HIS B 169 -27.70 10.88 -6.16
C HIS B 169 -26.40 11.56 -5.69
N MET B 170 -25.72 10.94 -4.70
CA MET B 170 -24.51 11.54 -4.14
C MET B 170 -23.67 10.50 -3.39
N ASP B 171 -22.45 10.86 -3.02
CA ASP B 171 -21.64 9.99 -2.17
C ASP B 171 -22.34 9.76 -0.84
N GLU B 172 -22.33 8.53 -0.35
CA GLU B 172 -23.12 8.22 0.86
C GLU B 172 -22.84 9.01 2.15
N PRO B 173 -21.55 9.30 2.46
CA PRO B 173 -21.29 10.13 3.65
C PRO B 173 -22.00 11.50 3.61
N VAL B 174 -22.18 12.04 2.42
CA VAL B 174 -22.85 13.31 2.22
C VAL B 174 -24.35 13.12 2.45
N ALA B 175 -24.89 12.04 1.91
CA ALA B 175 -26.33 11.75 2.04
C ALA B 175 -26.66 11.50 3.50
N LEU B 176 -25.73 10.88 4.20
CA LEU B 176 -25.91 10.55 5.60
C LEU B 176 -25.87 11.82 6.43
N SER B 177 -24.98 12.75 6.06
CA SER B 177 -24.90 14.05 6.73
C SER B 177 -26.14 14.93 6.54
N TYR B 178 -26.73 14.95 5.34
CA TYR B 178 -27.97 15.69 5.11
C TYR B 178 -29.15 15.08 5.85
N ALA B 179 -29.22 13.76 5.85
CA ALA B 179 -30.31 13.04 6.49
C ALA B 179 -30.24 13.17 8.01
N ALA B 180 -29.02 13.25 8.53
CA ALA B 180 -28.79 13.39 9.96
C ALA B 180 -28.93 14.82 10.51
N LYS B 181 -28.72 15.84 9.68
CA LYS B 181 -28.84 17.21 10.17
C LYS B 181 -30.19 17.85 9.81
N ASN B 182 -31.01 17.14 9.02
CA ASN B 182 -32.28 17.68 8.52
C ASN B 182 -33.47 16.75 8.69
N ALA B 183 -34.52 17.26 9.30
CA ALA B 183 -35.76 16.52 9.45
C ALA B 183 -36.41 16.19 8.11
N GLY B 184 -37.03 15.03 8.01
CA GLY B 184 -37.77 14.69 6.81
C GLY B 184 -36.90 14.25 5.65
N LEU B 185 -35.60 14.12 5.89
CA LEU B 185 -34.69 13.64 4.86
C LEU B 185 -34.09 12.30 5.28
N ALA B 186 -33.92 11.39 4.32
CA ALA B 186 -33.38 10.08 4.62
C ALA B 186 -32.61 9.50 3.44
N VAL B 187 -31.84 8.44 3.70
CA VAL B 187 -31.10 7.74 2.68
C VAL B 187 -31.92 6.56 2.21
N ALA B 188 -32.19 6.49 0.92
CA ALA B 188 -32.99 5.41 0.38
C ALA B 188 -32.27 4.06 0.52
N THR B 189 -33.06 2.99 0.61
CA THR B 189 -32.51 1.66 0.87
C THR B 189 -32.16 0.94 -0.43
N VAL B 190 -32.06 1.71 -1.51
CA VAL B 190 -31.70 1.14 -2.80
C VAL B 190 -30.51 1.87 -3.40
N SER B 191 -29.68 1.14 -4.15
CA SER B 191 -28.50 1.75 -4.73
C SER B 191 -28.24 1.26 -6.14
N LEU B 192 -27.49 2.04 -6.90
CA LEU B 192 -27.10 1.66 -8.24
C LEU B 192 -25.88 0.74 -8.16
N LYS B 193 -25.60 0.05 -9.26
CA LYS B 193 -24.46 -0.86 -9.33
C LYS B 193 -23.17 -0.08 -9.42
N MET B 194 -22.31 -0.21 -8.40
CA MET B 194 -21.07 0.55 -8.36
C MET B 194 -19.86 -0.31 -8.82
N LYS B 195 -18.95 0.31 -9.57
CA LYS B 195 -17.80 -0.42 -10.14
C LYS B 195 -16.50 0.40 -10.22
N ASP B 196 -15.37 -0.30 -10.27
CA ASP B 196 -14.03 0.31 -10.29
C ASP B 196 -13.76 1.13 -11.56
N GLY B 197 -13.13 2.31 -11.40
CA GLY B 197 -12.58 2.76 -10.13
C GLY B 197 -13.27 3.92 -9.43
N ASP B 198 -13.54 3.77 -8.13
CA ASP B 198 -14.22 4.80 -7.36
C ASP B 198 -13.82 4.80 -5.89
N ALA B 199 -12.57 5.07 -5.64
CA ALA B 199 -12.11 5.43 -4.33
C ALA B 199 -11.77 6.93 -4.42
N ASN B 200 -11.90 7.66 -3.31
CA ASN B 200 -11.53 9.08 -3.29
C ASN B 200 -10.00 9.24 -3.28
N ALA B 201 -9.45 10.08 -4.15
CA ALA B 201 -8.01 10.34 -4.15
C ALA B 201 -7.72 11.81 -4.46
N VAL B 202 -6.49 12.25 -4.21
CA VAL B 202 -6.08 13.61 -4.55
C VAL B 202 -5.65 13.62 -6.01
N ALA B 203 -6.17 14.57 -6.79
CA ALA B 203 -5.78 14.68 -8.18
C ALA B 203 -4.60 15.64 -8.34
N LEU B 204 -3.68 15.27 -9.23
CA LEU B 204 -2.56 16.11 -9.62
C LEU B 204 -2.51 16.14 -11.15
N ARG B 205 -1.88 17.16 -11.74
CA ARG B 205 -1.59 17.14 -13.16
C ARG B 205 -0.64 15.97 -13.46
N LYS B 206 -0.71 15.43 -14.68
CA LYS B 206 0.15 14.33 -15.09
C LYS B 206 1.63 14.71 -14.97
N ASN B 207 2.48 13.69 -14.81
CA ASN B 207 3.92 13.89 -14.64
C ASN B 207 4.27 14.65 -13.35
N SER B 208 3.57 14.31 -12.27
CA SER B 208 3.76 14.97 -10.98
C SER B 208 4.05 13.99 -9.87
N ASP B 209 5.12 13.19 -9.97
CA ASP B 209 5.40 12.17 -8.95
C ASP B 209 6.35 12.64 -7.85
N ASP B 210 6.95 13.82 -8.07
CA ASP B 210 7.71 14.49 -7.02
C ASP B 210 6.67 14.86 -5.96
N LEU B 211 5.66 15.66 -6.33
CA LEU B 211 4.61 16.04 -5.40
C LEU B 211 3.73 14.85 -4.95
N LYS B 212 3.32 14.00 -5.87
CA LYS B 212 2.54 12.80 -5.53
C LYS B 212 3.18 11.92 -4.45
N GLU B 213 4.50 11.82 -4.46
CA GLU B 213 5.21 10.98 -3.50
C GLU B 213 4.99 11.47 -2.08
N VAL B 214 5.03 12.79 -1.89
CA VAL B 214 4.80 13.41 -0.59
C VAL B 214 3.34 13.31 -0.14
N VAL B 215 2.42 13.55 -1.07
CA VAL B 215 1.00 13.39 -0.80
C VAL B 215 0.66 11.95 -0.40
N ASP B 216 1.22 10.96 -1.10
CA ASP B 216 1.02 9.55 -0.80
C ASP B 216 1.52 9.19 0.59
N LYS B 217 2.72 9.66 0.93
CA LYS B 217 3.32 9.44 2.26
C LYS B 217 2.41 9.93 3.39
N VAL B 218 1.87 11.14 3.23
CA VAL B 218 0.94 11.72 4.19
C VAL B 218 -0.34 10.89 4.29
N ILE B 219 -0.90 10.55 3.14
CA ILE B 219 -2.10 9.71 3.13
C ILE B 219 -1.89 8.31 3.75
N GLN B 220 -0.77 7.65 3.48
CA GLN B 220 -0.53 6.33 4.07
C GLN B 220 -0.46 6.40 5.60
N LYS B 221 0.14 7.46 6.12
CA LYS B 221 0.22 7.65 7.56
C LYS B 221 -1.16 7.92 8.20
N LEU B 222 -1.98 8.75 7.56
CA LEU B 222 -3.34 8.97 8.03
C LEU B 222 -4.15 7.67 8.04
N LYS B 223 -4.05 6.91 6.94
CA LYS B 223 -4.80 5.66 6.83
C LYS B 223 -4.38 4.62 7.85
N ASP B 224 -3.08 4.49 8.08
CA ASP B 224 -2.57 3.55 9.10
C ASP B 224 -2.98 3.95 10.50
N GLU B 225 -3.25 5.22 10.74
CA GLU B 225 -3.58 5.63 12.11
C GLU B 225 -5.07 5.84 12.31
N GLY B 226 -5.83 5.58 11.26
CA GLY B 226 -7.27 5.77 11.28
C GLY B 226 -7.66 7.23 11.28
N THR B 227 -6.77 8.09 10.80
CA THR B 227 -6.97 9.53 10.94
C THR B 227 -7.99 10.16 9.97
N TYR B 228 -8.05 9.67 8.73
CA TYR B 228 -9.05 10.23 7.83
C TYR B 228 -10.45 9.89 8.36
N GLN B 229 -10.66 8.65 8.77
CA GLN B 229 -11.91 8.29 9.44
C GLN B 229 -12.19 9.22 10.63
N SER B 230 -11.19 9.56 11.42
CA SER B 230 -11.40 10.47 12.55
C SER B 230 -11.73 11.89 12.09
N TYR B 231 -11.06 12.37 11.06
CA TYR B 231 -11.38 13.69 10.46
C TYR B 231 -12.84 13.77 10.02
N LEU B 232 -13.38 12.70 9.45
CA LEU B 232 -14.78 12.67 9.00
C LEU B 232 -15.75 12.70 10.17
N GLU B 233 -15.35 12.08 11.28
CA GLU B 233 -16.20 12.05 12.45
C GLU B 233 -16.25 13.43 13.09
N LYS B 234 -15.09 14.06 13.14
CA LYS B 234 -14.96 15.44 13.60
C LYS B 234 -15.80 16.41 12.74
N ALA B 235 -15.73 16.28 11.41
CA ALA B 235 -16.53 17.12 10.51
C ALA B 235 -18.03 16.92 10.70
N ALA B 236 -18.41 15.71 11.09
CA ALA B 236 -19.82 15.42 11.32
C ALA B 236 -20.38 16.15 12.54
N SER B 237 -19.48 16.61 13.41
CA SER B 237 -19.84 17.39 14.61
C SER B 237 -19.97 18.89 14.34
N LEU B 238 -19.76 19.30 13.10
CA LEU B 238 -19.94 20.70 12.74
C LEU B 238 -21.27 20.87 12.03
N THR B 239 -21.86 22.06 12.16
CA THR B 239 -23.11 22.37 11.48
C THR B 239 -22.87 23.25 10.26
N GLU B 240 -23.46 22.86 9.13
CA GLU B 240 -23.21 23.48 7.84
C GLU B 240 -23.96 24.81 7.66
N VAL B 241 -23.21 25.88 7.38
CA VAL B 241 -23.80 27.22 7.20
C VAL B 241 -24.84 27.28 6.06
N GLN C 2 -2.57 -29.55 1.98
CA GLN C 2 -1.32 -28.81 2.11
C GLN C 2 -0.71 -28.46 0.75
N SER C 3 -0.63 -29.44 -0.16
CA SER C 3 -0.18 -29.23 -1.55
C SER C 3 -1.37 -29.06 -2.50
N ALA C 4 -1.29 -28.09 -3.42
CA ALA C 4 -2.45 -27.70 -4.23
C ALA C 4 -3.06 -28.85 -5.03
N VAL C 5 -2.23 -29.77 -5.50
CA VAL C 5 -2.73 -30.93 -6.23
C VAL C 5 -3.45 -31.93 -5.31
N GLU C 6 -2.92 -32.11 -4.10
CA GLU C 6 -3.56 -32.93 -3.06
C GLU C 6 -4.97 -32.40 -2.78
N ALA C 7 -5.05 -31.13 -2.40
CA ALA C 7 -6.29 -30.44 -2.09
C ALA C 7 -7.34 -30.50 -3.20
N ILE C 8 -6.92 -30.31 -4.44
CA ILE C 8 -7.85 -30.39 -5.57
C ILE C 8 -8.45 -31.78 -5.72
N LYS C 9 -7.61 -32.81 -5.69
CA LYS C 9 -8.11 -34.20 -5.77
C LYS C 9 -9.02 -34.57 -4.58
N GLN C 10 -8.81 -33.94 -3.43
CA GLN C 10 -9.61 -34.19 -2.23
C GLN C 10 -11.02 -33.61 -2.32
N LYS C 11 -11.14 -32.40 -2.87
CA LYS C 11 -12.44 -31.75 -2.97
C LYS C 11 -13.18 -32.21 -4.22
N GLY C 12 -12.45 -32.90 -5.10
CA GLY C 12 -13.08 -33.61 -6.19
C GLY C 12 -13.39 -32.72 -7.37
N LYS C 13 -12.84 -31.52 -7.37
CA LYS C 13 -13.08 -30.60 -8.48
C LYS C 13 -11.93 -29.61 -8.74
N LEU C 14 -11.79 -29.20 -9.99
CA LEU C 14 -10.87 -28.12 -10.36
C LEU C 14 -11.67 -26.88 -10.71
N VAL C 15 -11.45 -25.77 -10.00
CA VAL C 15 -12.25 -24.58 -10.26
C VAL C 15 -11.49 -23.55 -11.08
N VAL C 16 -12.03 -23.19 -12.25
CA VAL C 16 -11.34 -22.28 -13.16
C VAL C 16 -12.14 -20.99 -13.40
N ALA C 17 -11.51 -19.85 -13.12
CA ALA C 17 -12.12 -18.55 -13.35
C ALA C 17 -11.89 -18.05 -14.77
N THR C 18 -12.97 -17.62 -15.43
CA THR C 18 -12.84 -17.10 -16.79
C THR C 18 -13.84 -15.97 -17.07
N SER C 19 -13.69 -15.33 -18.23
CA SER C 19 -14.59 -14.28 -18.70
C SER C 19 -15.01 -14.61 -20.14
N PRO C 20 -16.23 -15.11 -20.32
CA PRO C 20 -16.66 -15.60 -21.64
C PRO C 20 -17.14 -14.51 -22.62
N ASP C 21 -16.31 -13.52 -22.90
CA ASP C 21 -16.61 -12.49 -23.88
C ASP C 21 -15.44 -12.39 -24.85
N TYR C 22 -14.96 -13.54 -25.30
CA TYR C 22 -13.68 -13.55 -25.97
C TYR C 22 -13.46 -14.79 -26.83
N ALA C 23 -14.37 -15.03 -27.79
CA ALA C 23 -14.19 -16.13 -28.73
C ALA C 23 -12.94 -15.84 -29.56
N PRO C 24 -12.14 -16.88 -29.86
CA PRO C 24 -12.39 -18.30 -29.67
C PRO C 24 -11.86 -18.86 -28.34
N PHE C 25 -11.35 -18.01 -27.46
CA PHE C 25 -10.73 -18.48 -26.22
C PHE C 25 -11.78 -18.98 -25.23
N GLU C 26 -12.81 -18.18 -25.02
CA GLU C 26 -13.95 -18.56 -24.20
C GLU C 26 -15.15 -17.71 -24.55
N PHE C 27 -16.30 -18.34 -24.67
CA PHE C 27 -17.53 -17.62 -24.99
C PHE C 27 -18.75 -18.45 -24.64
N GLN C 28 -19.91 -17.82 -24.74
CA GLN C 28 -21.17 -18.50 -24.43
C GLN C 28 -21.78 -19.07 -25.72
N SER C 29 -22.16 -20.34 -25.68
CA SER C 29 -22.77 -20.98 -26.83
C SER C 29 -23.88 -21.87 -26.35
N LEU C 30 -24.61 -22.48 -27.28
CA LEU C 30 -25.67 -23.42 -26.91
C LEU C 30 -25.22 -24.80 -27.28
N VAL C 31 -25.12 -25.68 -26.30
CA VAL C 31 -24.76 -27.06 -26.58
C VAL C 31 -25.78 -28.03 -26.02
N ASP C 32 -26.42 -28.78 -26.93
CA ASP C 32 -27.50 -29.72 -26.58
C ASP C 32 -28.68 -29.03 -25.93
N GLY C 33 -28.99 -27.82 -26.39
CA GLY C 33 -30.08 -27.05 -25.85
C GLY C 33 -29.80 -26.32 -24.54
N LYS C 34 -28.57 -26.41 -24.03
CA LYS C 34 -28.15 -25.70 -22.81
C LYS C 34 -27.15 -24.59 -23.07
N ASN C 35 -27.28 -23.50 -22.31
CA ASN C 35 -26.22 -22.52 -22.21
C ASN C 35 -24.98 -23.15 -21.59
N GLN C 36 -23.83 -22.94 -22.22
CA GLN C 36 -22.58 -23.48 -21.71
C GLN C 36 -21.42 -22.63 -22.22
N VAL C 37 -20.44 -22.38 -21.37
CA VAL C 37 -19.22 -21.71 -21.81
C VAL C 37 -18.38 -22.70 -22.61
N VAL C 38 -17.93 -22.28 -23.79
CA VAL C 38 -17.11 -23.13 -24.65
C VAL C 38 -15.89 -22.35 -25.10
N GLY C 39 -15.02 -23.01 -25.84
CA GLY C 39 -13.82 -22.34 -26.33
C GLY C 39 -12.55 -23.12 -26.06
N ALA C 40 -11.46 -22.70 -26.69
CA ALA C 40 -10.20 -23.44 -26.63
C ALA C 40 -9.62 -23.51 -25.21
N ASP C 41 -9.76 -22.42 -24.47
CA ASP C 41 -9.30 -22.37 -23.08
C ASP C 41 -10.11 -23.34 -22.23
N ILE C 42 -11.35 -23.61 -22.64
CA ILE C 42 -12.27 -24.45 -21.85
C ILE C 42 -11.98 -25.91 -22.13
N ASP C 43 -11.71 -26.21 -23.39
CA ASP C 43 -11.24 -27.54 -23.75
C ASP C 43 -9.93 -27.85 -23.04
N MET C 44 -9.04 -26.86 -22.96
CA MET C 44 -7.78 -27.04 -22.26
C MET C 44 -7.99 -27.23 -20.76
N ALA C 45 -8.88 -26.41 -20.18
CA ALA C 45 -9.24 -26.54 -18.78
C ALA C 45 -9.73 -27.96 -18.48
N GLN C 46 -10.51 -28.50 -19.40
CA GLN C 46 -11.01 -29.85 -19.24
C GLN C 46 -9.87 -30.87 -19.29
N ALA C 47 -8.90 -30.66 -20.18
CA ALA C 47 -7.75 -31.55 -20.28
C ALA C 47 -6.99 -31.59 -18.97
N ILE C 48 -6.87 -30.43 -18.32
CA ILE C 48 -6.18 -30.31 -17.05
C ILE C 48 -6.95 -31.01 -15.92
N ALA C 49 -8.25 -30.74 -15.84
CA ALA C 49 -9.11 -31.49 -14.94
C ALA C 49 -8.99 -33.01 -15.18
N ASP C 50 -9.02 -33.43 -16.44
CA ASP C 50 -8.95 -34.85 -16.80
C ASP C 50 -7.66 -35.47 -16.29
N GLU C 51 -6.58 -34.70 -16.34
CA GLU C 51 -5.28 -35.16 -15.84
C GLU C 51 -5.31 -35.35 -14.33
N LEU C 52 -6.02 -34.47 -13.64
CA LEU C 52 -6.14 -34.57 -12.20
C LEU C 52 -7.24 -35.52 -11.78
N GLY C 53 -8.06 -35.95 -12.74
CA GLY C 53 -9.14 -36.89 -12.50
C GLY C 53 -10.30 -36.31 -11.69
N VAL C 54 -10.51 -35.01 -11.83
CA VAL C 54 -11.56 -34.32 -11.08
C VAL C 54 -12.59 -33.69 -12.00
N LYS C 55 -13.70 -33.26 -11.40
CA LYS C 55 -14.76 -32.59 -12.15
C LYS C 55 -14.24 -31.18 -12.48
N LEU C 56 -14.60 -30.64 -13.65
CA LEU C 56 -14.28 -29.25 -13.95
C LEU C 56 -15.46 -28.33 -13.63
N GLU C 57 -15.18 -27.29 -12.86
CA GLU C 57 -16.15 -26.24 -12.60
C GLU C 57 -15.67 -24.92 -13.17
N ILE C 58 -16.43 -24.39 -14.11
CA ILE C 58 -16.17 -23.09 -14.68
C ILE C 58 -16.92 -21.95 -13.97
N LEU C 59 -16.19 -20.93 -13.50
CA LEU C 59 -16.73 -19.67 -12.99
C LEU C 59 -16.66 -18.56 -14.06
N SER C 60 -17.76 -17.84 -14.24
CA SER C 60 -17.89 -16.84 -15.29
C SER C 60 -18.02 -15.47 -14.68
N MET C 61 -17.12 -14.57 -15.03
CA MET C 61 -17.13 -13.24 -14.46
C MET C 61 -16.48 -12.24 -15.44
N SER C 62 -16.50 -10.96 -15.09
CA SER C 62 -15.86 -9.90 -15.86
C SER C 62 -14.36 -10.13 -15.84
N PHE C 63 -13.69 -9.86 -16.95
CA PHE C 63 -12.26 -10.17 -17.02
C PHE C 63 -11.47 -9.56 -15.88
N ASP C 64 -11.81 -8.32 -15.53
CA ASP C 64 -11.04 -7.60 -14.52
C ASP C 64 -11.26 -8.16 -13.12
N ASN C 65 -12.11 -9.20 -13.01
CA ASN C 65 -12.34 -9.93 -11.76
C ASN C 65 -11.68 -11.32 -11.76
N VAL C 66 -11.21 -11.76 -12.92
CA VAL C 66 -10.67 -13.11 -13.05
C VAL C 66 -9.48 -13.45 -12.14
N LEU C 67 -8.47 -12.58 -12.12
CA LEU C 67 -7.27 -12.84 -11.31
C LEU C 67 -7.54 -12.71 -9.82
N THR C 68 -8.50 -11.85 -9.48
CA THR C 68 -8.94 -11.65 -8.10
C THR C 68 -9.65 -12.87 -7.55
N SER C 69 -10.50 -13.48 -8.38
CA SER C 69 -11.16 -14.71 -8.02
C SER C 69 -10.11 -15.78 -7.74
N LEU C 70 -9.04 -15.76 -8.53
CA LEU C 70 -7.92 -16.64 -8.32
C LEU C 70 -7.17 -16.31 -7.03
N GLN C 71 -6.82 -15.04 -6.87
CA GLN C 71 -6.01 -14.60 -5.74
C GLN C 71 -6.60 -15.01 -4.38
N THR C 72 -7.93 -14.86 -4.25
CA THR C 72 -8.62 -15.07 -2.98
C THR C 72 -9.02 -16.53 -2.73
N GLY C 73 -8.80 -17.39 -3.71
CA GLY C 73 -8.97 -18.81 -3.49
C GLY C 73 -10.20 -19.48 -4.08
N LYS C 74 -11.16 -18.70 -4.61
CA LYS C 74 -12.35 -19.34 -5.17
C LYS C 74 -12.02 -20.15 -6.41
N ALA C 75 -11.04 -19.68 -7.17
CA ALA C 75 -10.60 -20.37 -8.35
C ALA C 75 -9.28 -21.03 -8.02
N ASP C 76 -9.04 -22.24 -8.50
CA ASP C 76 -7.71 -22.88 -8.42
C ASP C 76 -6.78 -22.36 -9.52
N LEU C 77 -7.35 -22.05 -10.68
CA LEU C 77 -6.61 -21.60 -11.84
C LEU C 77 -7.37 -20.45 -12.47
N ALA C 78 -6.68 -19.63 -13.26
CA ALA C 78 -7.34 -18.61 -14.05
C ALA C 78 -6.93 -18.84 -15.51
N VAL C 79 -7.93 -18.99 -16.38
CA VAL C 79 -7.72 -19.20 -17.81
C VAL C 79 -8.71 -18.33 -18.57
N ALA C 80 -8.17 -17.25 -19.15
CA ALA C 80 -8.98 -16.26 -19.84
C ALA C 80 -8.17 -15.54 -20.90
N GLY C 81 -7.45 -16.30 -21.73
CA GLY C 81 -6.51 -15.72 -22.66
C GLY C 81 -5.60 -14.70 -22.02
N ILE C 82 -5.07 -15.04 -20.84
CA ILE C 82 -4.37 -14.08 -19.99
C ILE C 82 -2.89 -13.94 -20.34
N SER C 83 -2.46 -12.71 -20.62
CA SER C 83 -1.08 -12.43 -20.99
C SER C 83 -0.20 -12.50 -19.76
N ALA C 84 0.92 -13.20 -19.86
CA ALA C 84 1.83 -13.37 -18.73
C ALA C 84 2.83 -12.23 -18.68
N THR C 85 2.33 -11.04 -18.36
CA THR C 85 3.15 -9.85 -18.34
C THR C 85 4.06 -9.82 -17.11
N ASP C 86 5.04 -8.93 -17.11
CA ASP C 86 6.00 -8.88 -16.01
C ASP C 86 5.39 -8.30 -14.73
N GLU C 87 4.46 -7.36 -14.85
CA GLU C 87 3.74 -6.85 -13.69
C GLU C 87 2.95 -7.95 -12.94
N ARG C 88 2.23 -8.79 -13.69
CA ARG C 88 1.39 -9.84 -13.12
C ARG C 88 2.20 -10.96 -12.44
N LYS C 89 3.37 -11.26 -12.99
CA LYS C 89 4.23 -12.32 -12.45
C LYS C 89 4.74 -11.99 -11.03
N GLU C 90 4.64 -10.72 -10.65
CA GLU C 90 4.97 -10.29 -9.29
C GLU C 90 3.88 -10.65 -8.28
N VAL C 91 2.67 -10.92 -8.76
CA VAL C 91 1.55 -11.24 -7.89
C VAL C 91 1.17 -12.71 -8.07
N PHE C 92 1.35 -13.21 -9.28
CA PHE C 92 0.92 -14.56 -9.64
C PHE C 92 2.06 -15.35 -10.24
N ASP C 93 1.92 -16.67 -10.21
CA ASP C 93 2.78 -17.53 -11.01
C ASP C 93 2.01 -17.89 -12.29
N PHE C 94 2.74 -18.17 -13.36
CA PHE C 94 2.13 -18.53 -14.64
C PHE C 94 2.68 -19.83 -15.17
N SER C 95 1.84 -20.60 -15.86
CA SER C 95 2.31 -21.74 -16.64
C SER C 95 3.22 -21.28 -17.78
N ILE C 96 3.86 -22.24 -18.45
CA ILE C 96 4.47 -21.98 -19.74
C ILE C 96 3.35 -21.55 -20.69
N PRO C 97 3.67 -20.74 -21.70
CA PRO C 97 2.64 -20.32 -22.66
C PRO C 97 1.94 -21.51 -23.36
N TYR C 98 0.64 -21.43 -23.52
CA TYR C 98 -0.10 -22.43 -24.27
C TYR C 98 -0.44 -21.92 -25.67
N TYR C 99 -0.34 -20.61 -25.87
CA TYR C 99 -0.63 -20.04 -27.18
C TYR C 99 -0.11 -18.63 -27.29
N GLU C 100 0.21 -18.22 -28.50
CA GLU C 100 0.78 -16.91 -28.73
C GLU C 100 0.12 -16.24 -29.92
N ASN C 101 -0.25 -14.97 -29.76
CA ASN C 101 -0.89 -14.25 -30.85
C ASN C 101 -0.61 -12.73 -30.89
N LYS C 102 -0.93 -12.12 -32.03
CA LYS C 102 -0.77 -10.68 -32.22
C LYS C 102 -1.94 -9.91 -31.60
N ILE C 103 -1.70 -8.63 -31.33
CA ILE C 103 -2.72 -7.76 -30.77
C ILE C 103 -3.03 -6.66 -31.78
N SER C 104 -4.32 -6.47 -32.06
CA SER C 104 -4.71 -5.77 -33.25
C SER C 104 -5.91 -4.87 -32.98
N PHE C 105 -6.15 -3.89 -33.86
CA PHE C 105 -7.34 -3.03 -33.77
C PHE C 105 -8.43 -3.53 -34.70
N LEU C 106 -9.63 -3.74 -34.14
CA LEU C 106 -10.79 -4.06 -34.95
C LEU C 106 -11.43 -2.75 -35.37
N VAL C 107 -11.45 -2.51 -36.67
CA VAL C 107 -11.98 -1.26 -37.21
C VAL C 107 -13.16 -1.50 -38.14
N HIS C 108 -13.61 -0.43 -38.78
CA HIS C 108 -14.68 -0.54 -39.78
C HIS C 108 -14.11 -0.90 -41.14
N LYS C 109 -14.81 -1.75 -41.88
CA LYS C 109 -14.27 -2.29 -43.14
C LYS C 109 -13.93 -1.16 -44.12
N ALA C 110 -14.62 -0.04 -43.97
CA ALA C 110 -14.35 1.14 -44.79
C ALA C 110 -13.00 1.77 -44.46
N ASP C 111 -12.73 1.91 -43.16
CA ASP C 111 -11.60 2.71 -42.70
C ASP C 111 -10.32 1.90 -42.40
N VAL C 112 -10.21 0.70 -42.97
CA VAL C 112 -9.05 -0.15 -42.68
C VAL C 112 -7.78 0.47 -43.24
N GLU C 113 -7.90 1.10 -44.40
CA GLU C 113 -6.78 1.80 -45.02
C GLU C 113 -6.59 3.20 -44.41
N LYS C 114 -7.63 3.72 -43.77
CA LYS C 114 -7.53 4.99 -43.06
C LYS C 114 -6.53 4.90 -41.92
N TYR C 115 -6.66 3.86 -41.11
CA TYR C 115 -5.73 3.64 -40.01
C TYR C 115 -4.67 2.61 -40.42
N LYS C 116 -3.85 2.95 -41.39
CA LYS C 116 -2.64 2.18 -41.69
C LYS C 116 -1.49 2.87 -40.95
N ASP C 117 -1.81 4.01 -40.34
CA ASP C 117 -0.82 4.84 -39.66
C ASP C 117 -1.21 5.09 -38.20
N LEU C 118 -0.20 5.06 -37.32
CA LEU C 118 -0.41 5.33 -35.89
C LEU C 118 -0.94 6.75 -35.65
N THR C 119 -0.55 7.67 -36.54
CA THR C 119 -1.02 9.05 -36.44
C THR C 119 -2.53 9.09 -36.69
N SER C 120 -3.02 8.17 -37.52
CA SER C 120 -4.45 8.07 -37.82
C SER C 120 -5.24 7.57 -36.62
N LEU C 121 -4.52 6.97 -35.67
CA LEU C 121 -5.12 6.37 -34.48
C LEU C 121 -5.17 7.30 -33.28
N GLU C 122 -4.11 8.08 -33.09
CA GLU C 122 -4.01 9.01 -31.96
C GLU C 122 -5.22 9.95 -31.92
N SER C 123 -5.70 10.35 -33.08
CA SER C 123 -6.85 11.26 -33.15
C SER C 123 -8.14 10.49 -33.39
N ALA C 124 -8.17 9.25 -32.93
CA ALA C 124 -9.37 8.44 -33.03
C ALA C 124 -9.90 8.07 -31.64
N ASN C 125 -11.18 7.71 -31.56
CA ASN C 125 -11.78 7.19 -30.34
C ASN C 125 -11.46 5.71 -30.13
N ILE C 126 -10.47 5.43 -29.28
CA ILE C 126 -10.03 4.06 -29.02
C ILE C 126 -10.73 3.43 -27.81
N ALA C 127 -11.24 2.21 -28.01
CA ALA C 127 -11.83 1.39 -26.95
C ALA C 127 -10.93 0.20 -26.63
N ALA C 128 -10.98 -0.26 -25.39
CA ALA C 128 -10.21 -1.40 -24.95
C ALA C 128 -10.77 -1.86 -23.61
N GLN C 129 -10.52 -3.13 -23.27
CA GLN C 129 -11.10 -3.77 -22.10
C GLN C 129 -10.40 -3.38 -20.81
N LYS C 130 -11.20 -3.09 -19.78
CA LYS C 130 -10.68 -2.81 -18.45
C LYS C 130 -9.81 -3.95 -17.92
N GLY C 131 -8.61 -3.58 -17.47
CA GLY C 131 -7.69 -4.52 -16.84
C GLY C 131 -6.80 -5.32 -17.77
N THR C 132 -6.75 -4.95 -19.03
CA THR C 132 -6.06 -5.77 -20.05
C THR C 132 -4.79 -5.15 -20.63
N VAL C 133 -4.01 -5.99 -21.30
CA VAL C 133 -2.82 -5.54 -22.02
C VAL C 133 -3.17 -4.68 -23.26
N PRO C 134 -4.19 -5.06 -24.03
CA PRO C 134 -4.60 -4.10 -25.07
C PRO C 134 -4.96 -2.71 -24.55
N GLU C 135 -5.35 -2.59 -23.29
CA GLU C 135 -5.62 -1.28 -22.71
C GLU C 135 -4.36 -0.58 -22.19
N SER C 136 -3.45 -1.33 -21.57
CA SER C 136 -2.16 -0.82 -21.17
C SER C 136 -1.40 -0.30 -22.39
N MET C 137 -1.54 -0.99 -23.50
CA MET C 137 -0.84 -0.63 -24.73
C MET C 137 -1.28 0.72 -25.30
N VAL C 138 -2.60 0.97 -25.37
CA VAL C 138 -3.11 2.25 -25.83
C VAL C 138 -2.78 3.41 -24.87
N LYS C 139 -3.04 3.21 -23.59
CA LYS C 139 -2.68 4.18 -22.55
C LYS C 139 -1.21 4.61 -22.65
N GLU C 140 -0.34 3.66 -22.97
CA GLU C 140 1.10 3.89 -22.92
C GLU C 140 1.71 4.40 -24.23
N GLN C 141 1.06 4.10 -25.35
CA GLN C 141 1.65 4.40 -26.66
C GLN C 141 0.79 5.38 -27.48
N LEU C 142 -0.49 5.44 -27.18
CA LEU C 142 -1.35 6.46 -27.78
C LEU C 142 -2.01 7.27 -26.68
N PRO C 143 -1.18 7.96 -25.87
CA PRO C 143 -1.63 8.52 -24.59
C PRO C 143 -2.40 9.83 -24.73
N LYS C 144 -2.48 10.36 -25.94
CA LYS C 144 -3.30 11.55 -26.17
C LYS C 144 -4.65 11.16 -26.74
N ALA C 145 -4.76 9.91 -27.21
CA ALA C 145 -6.00 9.40 -27.75
C ALA C 145 -7.04 9.26 -26.65
N GLN C 146 -8.28 9.66 -26.95
CA GLN C 146 -9.36 9.50 -26.00
C GLN C 146 -9.64 8.01 -25.89
N LEU C 147 -9.32 7.43 -24.73
CA LEU C 147 -9.50 5.98 -24.53
C LEU C 147 -10.75 5.66 -23.70
N THR C 148 -11.69 4.92 -24.29
CA THR C 148 -12.84 4.41 -23.56
C THR C 148 -12.47 3.02 -23.08
N SER C 149 -12.36 2.83 -21.77
CA SER C 149 -12.02 1.52 -21.24
C SER C 149 -13.28 0.86 -20.73
N LEU C 150 -13.59 -0.32 -21.26
CA LEU C 150 -14.86 -0.99 -20.99
C LEU C 150 -14.71 -2.39 -20.35
N THR C 151 -15.63 -2.73 -19.46
CA THR C 151 -15.55 -3.98 -18.72
C THR C 151 -15.74 -5.22 -19.59
N ASN C 152 -16.85 -5.23 -20.32
CA ASN C 152 -17.18 -6.34 -21.20
C ASN C 152 -16.71 -6.07 -22.63
N MET C 153 -16.07 -7.07 -23.23
CA MET C 153 -15.53 -6.95 -24.59
C MET C 153 -16.63 -6.80 -25.65
N GLY C 154 -17.78 -7.42 -25.42
CA GLY C 154 -18.89 -7.28 -26.36
C GLY C 154 -19.49 -5.88 -26.35
N GLU C 155 -19.34 -5.17 -25.24
CA GLU C 155 -19.87 -3.83 -25.10
C GLU C 155 -18.94 -2.83 -25.82
N ALA C 156 -17.70 -3.25 -26.04
CA ALA C 156 -16.71 -2.39 -26.67
C ALA C 156 -16.85 -2.43 -28.18
N VAL C 157 -17.34 -3.54 -28.70
CA VAL C 157 -17.52 -3.68 -30.15
C VAL C 157 -18.90 -3.15 -30.57
N ASN C 158 -19.85 -3.19 -29.64
CA ASN C 158 -21.16 -2.55 -29.82
C ASN C 158 -21.06 -1.03 -30.02
N GLU C 159 -20.09 -0.39 -29.36
CA GLU C 159 -19.85 1.05 -29.46
C GLU C 159 -19.12 1.42 -30.76
N LEU C 160 -18.35 0.49 -31.29
CA LEU C 160 -17.67 0.67 -32.56
C LEU C 160 -18.71 0.61 -33.68
N GLN C 161 -19.62 -0.36 -33.56
CA GLN C 161 -20.76 -0.52 -34.47
C GLN C 161 -21.74 0.65 -34.39
N ALA C 162 -21.82 1.26 -33.22
CA ALA C 162 -22.76 2.34 -32.96
C ALA C 162 -22.22 3.71 -33.40
N GLY C 163 -21.10 3.72 -34.12
CA GLY C 163 -20.47 4.95 -34.54
C GLY C 163 -19.81 5.70 -33.40
N LYS C 164 -19.94 5.17 -32.18
CA LYS C 164 -19.41 5.79 -30.98
C LYS C 164 -17.90 5.59 -30.82
N ILE C 165 -17.39 4.46 -31.31
CA ILE C 165 -15.96 4.13 -31.20
C ILE C 165 -15.36 3.94 -32.60
N ASP C 166 -14.07 4.26 -32.73
CA ASP C 166 -13.34 4.20 -34.01
C ASP C 166 -12.41 2.97 -34.15
N ALA C 167 -11.93 2.46 -33.03
CA ALA C 167 -11.00 1.34 -33.05
C ALA C 167 -11.00 0.61 -31.72
N VAL C 168 -11.19 -0.70 -31.75
CA VAL C 168 -11.12 -1.51 -30.53
C VAL C 168 -9.83 -2.34 -30.54
N HIS C 169 -8.96 -2.13 -29.55
CA HIS C 169 -7.72 -2.88 -29.41
C HIS C 169 -8.00 -4.18 -28.65
N MET C 170 -7.56 -5.31 -29.23
CA MET C 170 -7.78 -6.63 -28.62
C MET C 170 -6.86 -7.67 -29.23
N ASP C 171 -6.81 -8.87 -28.64
CA ASP C 171 -6.04 -9.96 -29.21
C ASP C 171 -6.54 -10.30 -30.62
N GLU C 172 -5.62 -10.49 -31.56
CA GLU C 172 -5.99 -10.73 -32.95
C GLU C 172 -7.06 -11.81 -33.24
N PRO C 173 -6.95 -12.99 -32.60
CA PRO C 173 -7.96 -14.01 -32.90
C PRO C 173 -9.36 -13.57 -32.57
N VAL C 174 -9.51 -12.73 -31.54
CA VAL C 174 -10.83 -12.24 -31.18
C VAL C 174 -11.27 -11.24 -32.23
N ALA C 175 -10.34 -10.41 -32.68
CA ALA C 175 -10.61 -9.46 -33.75
C ALA C 175 -11.02 -10.20 -35.01
N LEU C 176 -10.31 -11.29 -35.33
CA LEU C 176 -10.63 -12.11 -36.51
C LEU C 176 -11.98 -12.78 -36.33
N SER C 177 -12.31 -13.09 -35.08
CA SER C 177 -13.59 -13.72 -34.78
C SER C 177 -14.75 -12.74 -34.98
N TYR C 178 -14.59 -11.49 -34.51
CA TYR C 178 -15.61 -10.47 -34.78
C TYR C 178 -15.75 -10.21 -36.29
N ALA C 179 -14.62 -10.01 -36.97
CA ALA C 179 -14.62 -9.73 -38.42
C ALA C 179 -15.31 -10.84 -39.23
N ALA C 180 -15.16 -12.08 -38.78
CA ALA C 180 -15.78 -13.20 -39.45
C ALA C 180 -17.30 -13.13 -39.36
N LYS C 181 -17.81 -12.84 -38.16
CA LYS C 181 -19.26 -12.75 -37.96
C LYS C 181 -19.81 -11.40 -38.43
N ASN C 182 -18.91 -10.52 -38.89
CA ASN C 182 -19.31 -9.18 -39.33
C ASN C 182 -18.46 -8.61 -40.46
N ALA C 183 -18.99 -8.66 -41.68
CA ALA C 183 -18.49 -7.75 -42.70
C ALA C 183 -18.85 -6.38 -42.15
N GLY C 184 -18.08 -5.37 -42.50
CA GLY C 184 -18.24 -4.06 -41.88
C GLY C 184 -17.15 -3.84 -40.87
N LEU C 185 -16.69 -4.93 -40.26
CA LEU C 185 -15.53 -4.89 -39.38
C LEU C 185 -14.34 -5.56 -40.05
N ALA C 186 -13.15 -5.06 -39.79
CA ALA C 186 -11.93 -5.66 -40.33
C ALA C 186 -10.77 -5.37 -39.41
N VAL C 187 -9.66 -6.06 -39.61
CA VAL C 187 -8.51 -5.85 -38.78
C VAL C 187 -7.59 -4.83 -39.43
N ALA C 188 -7.37 -3.72 -38.73
CA ALA C 188 -6.53 -2.65 -39.25
C ALA C 188 -5.15 -3.18 -39.55
N THR C 189 -4.52 -2.62 -40.58
CA THR C 189 -3.19 -3.04 -40.96
C THR C 189 -2.17 -2.58 -39.93
N VAL C 190 -2.52 -1.54 -39.17
CA VAL C 190 -1.61 -0.97 -38.17
C VAL C 190 -1.74 -1.61 -36.79
N SER C 191 -0.61 -1.62 -36.09
CA SER C 191 -0.53 -2.23 -34.77
C SER C 191 0.44 -1.45 -33.90
N LEU C 192 0.29 -1.58 -32.59
CA LEU C 192 1.25 -1.01 -31.66
C LEU C 192 2.36 -2.02 -31.44
N LYS C 193 3.17 -1.82 -30.42
CA LYS C 193 4.30 -2.69 -30.12
C LYS C 193 4.08 -3.49 -28.82
N MET C 194 4.22 -4.81 -28.89
CA MET C 194 4.03 -5.64 -27.68
C MET C 194 5.31 -6.35 -27.28
N LYS C 195 5.33 -6.80 -26.02
CA LYS C 195 6.49 -7.46 -25.45
C LYS C 195 6.62 -8.89 -25.96
N ASP C 196 7.80 -9.25 -26.46
CA ASP C 196 8.05 -10.62 -26.93
C ASP C 196 8.08 -11.60 -25.76
N GLY C 197 7.45 -12.75 -25.96
CA GLY C 197 6.96 -13.52 -24.82
C GLY C 197 5.64 -12.85 -24.51
N ASP C 198 5.33 -12.68 -23.23
CA ASP C 198 4.05 -12.12 -22.77
C ASP C 198 2.86 -12.68 -23.55
N ALA C 199 2.91 -14.00 -23.80
CA ALA C 199 1.89 -14.75 -24.53
C ALA C 199 0.83 -15.23 -23.57
N ASN C 200 -0.09 -16.07 -24.05
CA ASN C 200 -1.19 -16.57 -23.21
C ASN C 200 -0.78 -17.72 -22.30
N ALA C 201 -1.10 -17.63 -21.02
CA ALA C 201 -0.70 -18.66 -20.06
C ALA C 201 -1.79 -18.83 -18.99
N VAL C 202 -1.75 -19.95 -18.28
CA VAL C 202 -2.64 -20.20 -17.16
C VAL C 202 -2.08 -19.49 -15.94
N ALA C 203 -2.91 -18.76 -15.21
CA ALA C 203 -2.42 -18.05 -14.03
C ALA C 203 -2.66 -18.87 -12.77
N LEU C 204 -1.70 -18.84 -11.84
CA LEU C 204 -1.83 -19.56 -10.58
C LEU C 204 -1.43 -18.60 -9.47
N ARG C 205 -1.82 -18.91 -8.24
CA ARG C 205 -1.39 -18.17 -7.05
C ARG C 205 0.08 -18.54 -6.81
N LYS C 206 0.80 -17.72 -6.04
CA LYS C 206 2.10 -18.14 -5.50
C LYS C 206 1.96 -19.44 -4.69
N ASN C 207 3.05 -20.18 -4.53
CA ASN C 207 3.07 -21.46 -3.81
C ASN C 207 2.14 -22.54 -4.36
N SER C 208 2.04 -22.63 -5.68
CA SER C 208 1.22 -23.65 -6.32
C SER C 208 2.05 -24.49 -7.26
N ASP C 209 3.32 -24.68 -6.91
CA ASP C 209 4.31 -25.24 -7.81
C ASP C 209 3.98 -26.62 -8.32
N ASP C 210 3.42 -27.47 -7.46
CA ASP C 210 3.04 -28.83 -7.87
C ASP C 210 1.90 -28.79 -8.86
N LEU C 211 0.97 -27.85 -8.67
CA LEU C 211 -0.13 -27.57 -9.61
C LEU C 211 0.38 -27.01 -10.94
N LYS C 212 1.30 -26.06 -10.85
CA LYS C 212 2.02 -25.51 -12.01
C LYS C 212 2.72 -26.60 -12.84
N GLU C 213 3.32 -27.59 -12.18
CA GLU C 213 3.98 -28.67 -12.89
C GLU C 213 3.00 -29.52 -13.68
N VAL C 214 1.83 -29.75 -13.09
CA VAL C 214 0.82 -30.58 -13.72
C VAL C 214 0.30 -29.83 -14.93
N VAL C 215 -0.03 -28.56 -14.73
CA VAL C 215 -0.55 -27.69 -15.80
C VAL C 215 0.46 -27.56 -16.95
N ASP C 216 1.71 -27.30 -16.61
CA ASP C 216 2.80 -27.32 -17.59
C ASP C 216 2.93 -28.64 -18.36
N LYS C 217 2.80 -29.77 -17.67
CA LYS C 217 2.91 -31.05 -18.36
C LYS C 217 1.80 -31.19 -19.40
N VAL C 218 0.58 -30.85 -19.00
CA VAL C 218 -0.57 -30.93 -19.90
C VAL C 218 -0.37 -29.98 -21.07
N ILE C 219 0.06 -28.76 -20.77
CA ILE C 219 0.30 -27.77 -21.81
C ILE C 219 1.40 -28.18 -22.81
N GLN C 220 2.52 -28.69 -22.32
CA GLN C 220 3.55 -29.15 -23.24
C GLN C 220 3.03 -30.26 -24.15
N LYS C 221 2.20 -31.15 -23.62
CA LYS C 221 1.61 -32.21 -24.44
C LYS C 221 0.73 -31.60 -25.52
N LEU C 222 -0.17 -30.71 -25.13
CA LEU C 222 -1.03 -30.04 -26.10
C LEU C 222 -0.26 -29.34 -27.22
N LYS C 223 0.74 -28.53 -26.87
CA LYS C 223 1.52 -27.85 -27.90
C LYS C 223 2.28 -28.85 -28.75
N ASP C 224 2.87 -29.87 -28.11
CA ASP C 224 3.65 -30.86 -28.87
C ASP C 224 2.80 -31.70 -29.81
N GLU C 225 1.51 -31.80 -29.54
CA GLU C 225 0.63 -32.61 -30.39
C GLU C 225 -0.30 -31.75 -31.25
N GLY C 226 -0.07 -30.44 -31.17
CA GLY C 226 -0.83 -29.44 -31.92
C GLY C 226 -2.26 -29.30 -31.41
N THR C 227 -2.47 -29.65 -30.14
CA THR C 227 -3.83 -29.78 -29.62
C THR C 227 -4.53 -28.45 -29.38
N TYR C 228 -3.83 -27.45 -28.88
CA TYR C 228 -4.48 -26.15 -28.70
C TYR C 228 -4.93 -25.51 -30.04
N GLN C 229 -4.11 -25.63 -31.08
CA GLN C 229 -4.51 -25.14 -32.40
C GLN C 229 -5.78 -25.87 -32.83
N SER C 230 -5.82 -27.18 -32.61
CA SER C 230 -7.02 -27.98 -32.87
C SER C 230 -8.24 -27.48 -32.06
N TYR C 231 -8.04 -27.14 -30.79
CA TYR C 231 -9.13 -26.57 -29.98
C TYR C 231 -9.63 -25.24 -30.54
N LEU C 232 -8.72 -24.46 -31.14
CA LEU C 232 -9.08 -23.15 -31.69
C LEU C 232 -9.88 -23.33 -32.97
N GLU C 233 -9.54 -24.38 -33.71
CA GLU C 233 -10.26 -24.70 -34.92
C GLU C 233 -11.68 -25.17 -34.59
N LYS C 234 -11.83 -25.97 -33.54
CA LYS C 234 -13.15 -26.40 -33.09
C LYS C 234 -13.95 -25.18 -32.61
N ALA C 235 -13.29 -24.32 -31.83
CA ALA C 235 -13.94 -23.12 -31.29
C ALA C 235 -14.36 -22.15 -32.39
N ALA C 236 -13.58 -22.06 -33.44
CA ALA C 236 -13.95 -21.21 -34.58
C ALA C 236 -15.27 -21.68 -35.20
N SER C 237 -15.49 -23.00 -35.17
CA SER C 237 -16.68 -23.62 -35.74
C SER C 237 -17.97 -23.45 -34.93
N LEU C 238 -17.86 -23.16 -33.64
CA LEU C 238 -19.05 -23.07 -32.79
C LEU C 238 -19.73 -21.73 -32.94
N THR C 239 -21.02 -21.69 -32.59
CA THR C 239 -21.85 -20.49 -32.78
C THR C 239 -22.03 -19.70 -31.47
N GLU C 240 -21.98 -18.38 -31.57
CA GLU C 240 -21.97 -17.50 -30.39
C GLU C 240 -23.38 -17.15 -29.87
N VAL C 241 -23.55 -17.16 -28.54
CA VAL C 241 -24.84 -16.85 -27.90
C VAL C 241 -24.66 -16.09 -26.58
N SER D 3 12.55 22.96 -13.12
CA SER D 3 11.48 23.27 -12.17
C SER D 3 11.92 23.00 -10.72
N ALA D 4 12.26 21.76 -10.39
CA ALA D 4 12.86 21.48 -9.08
C ALA D 4 14.20 22.22 -8.93
N VAL D 5 15.02 22.18 -9.97
CA VAL D 5 16.33 22.83 -9.95
C VAL D 5 16.21 24.35 -9.91
N GLU D 6 15.25 24.90 -10.66
CA GLU D 6 15.08 26.34 -10.65
C GLU D 6 14.52 26.85 -9.32
N ALA D 7 13.58 26.09 -8.75
CA ALA D 7 13.02 26.37 -7.43
C ALA D 7 14.10 26.37 -6.35
N ILE D 8 15.02 25.41 -6.45
CA ILE D 8 16.11 25.28 -5.48
C ILE D 8 17.03 26.47 -5.61
N LYS D 9 17.38 26.81 -6.84
CA LYS D 9 18.21 27.99 -7.12
C LYS D 9 17.58 29.27 -6.59
N GLN D 10 16.26 29.36 -6.69
CA GLN D 10 15.53 30.54 -6.24
C GLN D 10 15.39 30.62 -4.71
N LYS D 11 15.17 29.48 -4.06
CA LYS D 11 15.06 29.40 -2.60
C LYS D 11 16.38 29.81 -1.93
N GLY D 12 17.48 29.45 -2.56
CA GLY D 12 18.79 29.82 -2.06
C GLY D 12 19.52 28.68 -1.43
N LYS D 13 18.90 27.51 -1.36
CA LYS D 13 19.47 26.39 -0.61
C LYS D 13 19.08 25.00 -1.11
N LEU D 14 20.02 24.07 -0.90
CA LEU D 14 19.85 22.66 -1.19
C LEU D 14 19.85 21.86 0.13
N VAL D 15 18.80 21.08 0.39
CA VAL D 15 18.65 20.35 1.65
C VAL D 15 19.03 18.89 1.46
N VAL D 16 20.04 18.43 2.18
CA VAL D 16 20.55 17.07 2.04
C VAL D 16 20.44 16.29 3.35
N ALA D 17 19.77 15.13 3.33
CA ALA D 17 19.62 14.32 4.54
C ALA D 17 20.72 13.29 4.65
N THR D 18 21.29 13.15 5.84
CA THR D 18 22.31 12.13 6.08
C THR D 18 22.26 11.58 7.51
N SER D 19 23.09 10.57 7.79
CA SER D 19 23.25 10.02 9.14
C SER D 19 24.74 9.99 9.51
N PRO D 20 25.20 11.00 10.27
CA PRO D 20 26.64 11.21 10.50
C PRO D 20 27.27 10.25 11.53
N ASP D 21 27.09 8.95 11.29
CA ASP D 21 27.67 7.91 12.17
C ASP D 21 28.49 6.91 11.36
N TYR D 22 29.20 7.39 10.34
CA TYR D 22 29.71 6.49 9.32
C TYR D 22 30.92 7.05 8.64
N ALA D 23 31.95 7.37 9.39
CA ALA D 23 33.21 7.79 8.79
C ALA D 23 33.77 6.67 7.92
N PRO D 24 34.34 7.01 6.75
CA PRO D 24 34.69 8.33 6.24
C PRO D 24 33.61 9.01 5.37
N PHE D 25 32.44 8.40 5.24
CA PHE D 25 31.38 8.98 4.43
C PHE D 25 30.75 10.23 5.07
N GLU D 26 30.35 10.10 6.34
CA GLU D 26 29.85 11.21 7.15
C GLU D 26 30.02 10.93 8.64
N PHE D 27 30.46 11.94 9.38
CA PHE D 27 30.68 11.82 10.82
C PHE D 27 30.74 13.20 11.51
N GLN D 28 30.72 13.21 12.84
CA GLN D 28 30.82 14.45 13.62
C GLN D 28 32.27 14.86 13.85
N SER D 29 32.56 16.16 13.81
CA SER D 29 33.92 16.65 13.97
C SER D 29 33.90 18.09 14.46
N LEU D 30 35.02 18.51 15.03
CA LEU D 30 35.22 19.90 15.41
C LEU D 30 35.89 20.68 14.28
N VAL D 31 35.13 21.60 13.69
CA VAL D 31 35.65 22.49 12.68
C VAL D 31 35.51 23.91 13.18
N ASP D 32 36.66 24.55 13.42
CA ASP D 32 36.71 25.92 13.96
C ASP D 32 36.02 26.05 15.31
N GLY D 33 36.24 25.07 16.18
CA GLY D 33 35.64 25.06 17.51
C GLY D 33 34.18 24.62 17.58
N LYS D 34 33.56 24.40 16.42
CA LYS D 34 32.15 24.04 16.38
C LYS D 34 31.96 22.59 15.96
N ASN D 35 30.95 21.93 16.53
CA ASN D 35 30.51 20.63 16.04
C ASN D 35 30.18 20.80 14.59
N GLN D 36 30.75 19.98 13.72
CA GLN D 36 30.36 20.04 12.32
C GLN D 36 30.25 18.66 11.70
N VAL D 37 29.24 18.44 10.87
CA VAL D 37 29.15 17.21 10.10
C VAL D 37 30.15 17.28 8.96
N VAL D 38 31.05 16.30 8.90
CA VAL D 38 32.07 16.28 7.86
C VAL D 38 32.15 14.90 7.21
N GLY D 39 33.00 14.76 6.21
CA GLY D 39 33.10 13.52 5.46
C GLY D 39 33.02 13.70 3.95
N ALA D 40 33.30 12.63 3.22
CA ALA D 40 33.39 12.67 1.76
C ALA D 40 32.02 12.92 1.10
N ASP D 41 30.97 12.39 1.71
CA ASP D 41 29.61 12.61 1.22
C ASP D 41 29.24 14.07 1.44
N ILE D 42 29.77 14.66 2.51
CA ILE D 42 29.48 16.06 2.83
C ILE D 42 30.18 17.01 1.84
N ASP D 43 31.43 16.70 1.50
CA ASP D 43 32.13 17.44 0.48
C ASP D 43 31.49 17.33 -0.90
N MET D 44 30.98 16.14 -1.21
CA MET D 44 30.23 15.93 -2.45
C MET D 44 28.91 16.71 -2.42
N ALA D 45 28.22 16.73 -1.30
CA ALA D 45 26.99 17.52 -1.19
C ALA D 45 27.29 19.01 -1.35
N GLN D 46 28.45 19.45 -0.87
CA GLN D 46 28.85 20.83 -1.08
C GLN D 46 29.10 21.09 -2.57
N ALA D 47 29.78 20.17 -3.24
CA ALA D 47 30.05 20.31 -4.68
C ALA D 47 28.76 20.52 -5.46
N ILE D 48 27.73 19.75 -5.13
CA ILE D 48 26.44 19.83 -5.79
C ILE D 48 25.77 21.18 -5.49
N ALA D 49 25.79 21.58 -4.23
CA ALA D 49 25.29 22.90 -3.85
C ALA D 49 26.06 23.99 -4.57
N ASP D 50 27.39 23.84 -4.68
CA ASP D 50 28.21 24.81 -5.40
C ASP D 50 27.85 24.94 -6.89
N GLU D 51 27.54 23.81 -7.51
CA GLU D 51 27.13 23.75 -8.89
C GLU D 51 25.79 24.48 -9.11
N LEU D 52 24.85 24.28 -8.19
CA LEU D 52 23.59 24.99 -8.25
C LEU D 52 23.73 26.45 -7.78
N GLY D 53 24.86 26.77 -7.17
CA GLY D 53 25.05 28.09 -6.56
C GLY D 53 24.16 28.41 -5.36
N VAL D 54 23.92 27.42 -4.50
CA VAL D 54 23.08 27.61 -3.35
C VAL D 54 23.83 27.25 -2.08
N LYS D 55 23.22 27.53 -0.93
CA LYS D 55 23.80 27.18 0.35
C LYS D 55 23.48 25.72 0.63
N LEU D 56 24.39 25.01 1.30
CA LEU D 56 24.15 23.61 1.69
C LEU D 56 23.56 23.49 3.10
N GLU D 57 22.39 22.88 3.22
CA GLU D 57 21.84 22.57 4.53
C GLU D 57 21.82 21.08 4.78
N ILE D 58 22.52 20.65 5.81
CA ILE D 58 22.56 19.26 6.16
C ILE D 58 21.57 18.97 7.29
N LEU D 59 20.71 17.95 7.09
CA LEU D 59 19.88 17.39 8.15
C LEU D 59 20.56 16.13 8.68
N SER D 60 20.54 15.93 9.99
CA SER D 60 21.13 14.75 10.61
C SER D 60 20.05 13.95 11.29
N MET D 61 20.04 12.64 11.08
CA MET D 61 19.02 11.79 11.65
C MET D 61 19.56 10.35 11.64
N SER D 62 18.83 9.42 12.24
CA SER D 62 19.24 8.02 12.21
C SER D 62 19.13 7.48 10.81
N PHE D 63 20.04 6.58 10.43
CA PHE D 63 20.04 6.08 9.04
C PHE D 63 18.70 5.55 8.53
N ASP D 64 18.00 4.75 9.34
CA ASP D 64 16.74 4.17 8.88
C ASP D 64 15.63 5.20 8.73
N ASN D 65 15.96 6.48 8.93
CA ASN D 65 15.05 7.61 8.69
C ASN D 65 15.47 8.48 7.49
N VAL D 66 16.66 8.23 6.96
CA VAL D 66 17.20 9.06 5.90
C VAL D 66 16.38 9.05 4.60
N LEU D 67 15.99 7.87 4.13
CA LEU D 67 15.18 7.77 2.91
C LEU D 67 13.77 8.29 3.13
N THR D 68 13.24 8.08 4.33
CA THR D 68 11.92 8.57 4.69
C THR D 68 11.84 10.08 4.57
N SER D 69 12.95 10.77 4.85
CA SER D 69 12.96 12.23 4.85
C SER D 69 12.72 12.77 3.45
N LEU D 70 13.19 12.04 2.45
CA LEU D 70 12.94 12.35 1.04
C LEU D 70 11.44 12.29 0.74
N GLN D 71 10.78 11.23 1.25
CA GLN D 71 9.33 11.04 1.14
C GLN D 71 8.51 12.12 1.86
N THR D 72 9.08 12.75 2.88
CA THR D 72 8.40 13.86 3.57
C THR D 72 8.47 15.14 2.75
N GLY D 73 9.34 15.14 1.75
CA GLY D 73 9.56 16.33 0.96
C GLY D 73 10.55 17.28 1.59
N LYS D 74 11.04 16.93 2.78
CA LYS D 74 11.92 17.84 3.51
C LYS D 74 13.36 17.90 2.94
N ALA D 75 13.87 16.74 2.55
CA ALA D 75 15.19 16.65 1.97
C ALA D 75 15.01 16.63 0.46
N ASP D 76 15.92 17.32 -0.26
CA ASP D 76 16.02 17.28 -1.73
C ASP D 76 16.74 16.03 -2.18
N LEU D 77 17.81 15.71 -1.45
CA LEU D 77 18.65 14.53 -1.69
C LEU D 77 18.95 13.78 -0.37
N ALA D 78 19.17 12.48 -0.46
CA ALA D 78 19.65 11.72 0.70
C ALA D 78 21.02 11.21 0.35
N VAL D 79 22.00 11.52 1.19
CA VAL D 79 23.37 11.16 0.89
C VAL D 79 23.96 10.63 2.19
N ALA D 80 24.06 9.30 2.27
CA ALA D 80 24.46 8.64 3.48
C ALA D 80 25.07 7.27 3.17
N GLY D 81 26.04 7.23 2.26
CA GLY D 81 26.63 5.96 1.84
C GLY D 81 25.56 4.93 1.50
N ILE D 82 24.57 5.36 0.72
CA ILE D 82 23.39 4.54 0.42
C ILE D 82 23.59 3.61 -0.78
N SER D 83 23.39 2.31 -0.57
CA SER D 83 23.42 1.31 -1.65
C SER D 83 22.20 1.43 -2.56
N ALA D 84 22.44 1.57 -3.86
CA ALA D 84 21.38 1.70 -4.85
C ALA D 84 20.86 0.33 -5.22
N THR D 85 19.99 -0.22 -4.38
CA THR D 85 19.53 -1.58 -4.56
C THR D 85 18.25 -1.61 -5.37
N ASP D 86 17.87 -2.80 -5.81
CA ASP D 86 16.65 -3.02 -6.56
C ASP D 86 15.42 -2.66 -5.76
N GLU D 87 15.44 -2.98 -4.47
CA GLU D 87 14.29 -2.66 -3.61
C GLU D 87 14.06 -1.15 -3.47
N ARG D 88 15.13 -0.43 -3.16
CA ARG D 88 15.07 1.02 -2.99
C ARG D 88 14.75 1.76 -4.30
N LYS D 89 15.24 1.23 -5.42
CA LYS D 89 14.96 1.80 -6.74
C LYS D 89 13.46 1.75 -7.07
N GLU D 90 12.72 0.88 -6.39
CA GLU D 90 11.28 0.77 -6.62
C GLU D 90 10.55 1.97 -6.01
N VAL D 91 11.13 2.58 -4.98
CA VAL D 91 10.55 3.77 -4.34
C VAL D 91 11.27 5.08 -4.75
N PHE D 92 12.58 5.01 -4.95
CA PHE D 92 13.39 6.20 -5.13
C PHE D 92 14.09 6.18 -6.47
N ASP D 93 14.48 7.35 -6.96
CA ASP D 93 15.40 7.42 -8.07
C ASP D 93 16.78 7.60 -7.50
N PHE D 94 17.78 7.09 -8.21
CA PHE D 94 19.14 7.20 -7.74
C PHE D 94 20.00 7.82 -8.79
N SER D 95 21.03 8.53 -8.34
CA SER D 95 22.06 9.00 -9.26
C SER D 95 22.89 7.82 -9.74
N ILE D 96 23.73 8.04 -10.75
CA ILE D 96 24.81 7.12 -11.05
C ILE D 96 25.66 6.99 -9.78
N PRO D 97 26.35 5.85 -9.63
CA PRO D 97 27.11 5.67 -8.39
C PRO D 97 28.23 6.66 -8.29
N TYR D 98 28.62 7.04 -7.07
CA TYR D 98 29.76 7.91 -6.88
C TYR D 98 30.93 7.16 -6.27
N TYR D 99 30.64 6.01 -5.67
CA TYR D 99 31.70 5.23 -5.04
C TYR D 99 31.25 3.83 -4.77
N GLU D 100 32.17 2.90 -4.91
CA GLU D 100 31.87 1.49 -4.75
C GLU D 100 32.85 0.88 -3.75
N ASN D 101 32.36 0.02 -2.86
CA ASN D 101 33.27 -0.65 -1.90
C ASN D 101 32.76 -2.02 -1.44
N LYS D 102 33.63 -2.75 -0.72
CA LYS D 102 33.28 -4.06 -0.15
C LYS D 102 32.57 -3.88 1.19
N ILE D 103 31.95 -4.97 1.65
CA ILE D 103 31.30 -4.95 2.96
C ILE D 103 32.00 -5.98 3.85
N SER D 104 32.40 -5.56 5.04
CA SER D 104 33.25 -6.40 5.87
C SER D 104 32.82 -6.55 7.34
N PHE D 105 33.49 -7.45 8.04
CA PHE D 105 33.24 -7.69 9.46
C PHE D 105 34.34 -7.08 10.32
N LEU D 106 33.93 -6.27 11.30
CA LEU D 106 34.83 -5.61 12.23
C LEU D 106 34.78 -6.33 13.56
N VAL D 107 35.96 -6.71 14.05
CA VAL D 107 36.08 -7.49 15.28
C VAL D 107 37.24 -6.97 16.11
N HIS D 108 37.47 -7.63 17.24
CA HIS D 108 38.64 -7.32 18.04
C HIS D 108 39.84 -7.84 17.26
N LYS D 109 40.99 -7.20 17.46
CA LYS D 109 42.20 -7.56 16.72
C LYS D 109 42.70 -8.97 17.05
N ALA D 110 42.27 -9.51 18.18
CA ALA D 110 42.66 -10.85 18.59
C ALA D 110 41.68 -11.91 18.08
N ASP D 111 40.81 -11.53 17.14
CA ASP D 111 39.75 -12.43 16.67
C ASP D 111 39.96 -12.97 15.27
N VAL D 112 40.78 -12.30 14.47
CA VAL D 112 40.88 -12.57 13.03
C VAL D 112 41.37 -13.98 12.69
N GLU D 113 42.10 -14.60 13.61
CA GLU D 113 42.53 -15.98 13.41
C GLU D 113 41.30 -16.89 13.44
N LYS D 114 40.49 -16.75 14.48
CA LYS D 114 39.14 -17.30 14.45
C LYS D 114 38.44 -16.49 13.36
N TYR D 115 37.27 -16.93 12.90
CA TYR D 115 36.64 -16.25 11.77
C TYR D 115 37.59 -16.15 10.57
N LYS D 116 37.86 -17.29 9.94
CA LYS D 116 38.53 -17.31 8.64
C LYS D 116 37.67 -18.09 7.64
N ASP D 117 36.44 -18.36 8.07
CA ASP D 117 35.35 -18.85 7.20
C ASP D 117 34.00 -18.82 7.93
N LEU D 118 32.97 -19.34 7.26
CA LEU D 118 31.58 -19.22 7.71
C LEU D 118 31.21 -20.04 8.95
N THR D 119 32.12 -20.91 9.39
CA THR D 119 31.92 -21.72 10.60
C THR D 119 31.86 -20.84 11.84
N SER D 120 32.79 -19.88 11.92
CA SER D 120 32.92 -19.03 13.10
C SER D 120 31.85 -17.95 13.14
N LEU D 121 31.22 -17.70 11.99
CA LEU D 121 30.23 -16.63 11.87
C LEU D 121 28.92 -16.87 12.64
N GLU D 122 28.32 -18.03 12.46
CA GLU D 122 27.06 -18.31 13.14
C GLU D 122 27.25 -18.48 14.64
N SER D 123 28.36 -19.10 15.02
CA SER D 123 28.73 -19.23 16.43
C SER D 123 29.28 -17.92 17.02
N ALA D 124 28.79 -16.78 16.52
CA ALA D 124 29.20 -15.47 17.02
C ALA D 124 28.02 -14.52 17.20
N ASN D 125 28.22 -13.48 18.00
CA ASN D 125 27.24 -12.41 18.17
C ASN D 125 27.50 -11.30 17.18
N ILE D 126 26.78 -11.33 16.06
CA ILE D 126 26.96 -10.36 14.99
C ILE D 126 25.97 -9.20 15.09
N ALA D 127 26.52 -8.00 14.95
CA ALA D 127 25.72 -6.79 14.87
C ALA D 127 25.68 -6.26 13.43
N ALA D 128 24.70 -5.40 13.17
CA ALA D 128 24.59 -4.66 11.92
C ALA D 128 23.54 -3.57 12.15
N GLN D 129 23.51 -2.59 11.26
CA GLN D 129 22.68 -1.39 11.42
C GLN D 129 21.27 -1.59 10.89
N LYS D 130 20.27 -1.15 11.65
CA LYS D 130 18.89 -1.15 11.19
C LYS D 130 18.66 -0.44 9.85
N GLY D 131 18.04 -1.15 8.91
CA GLY D 131 17.63 -0.55 7.65
C GLY D 131 18.67 -0.58 6.54
N THR D 132 19.72 -1.38 6.75
CA THR D 132 20.86 -1.38 5.84
C THR D 132 21.06 -2.68 5.06
N VAL D 133 21.94 -2.62 4.08
CA VAL D 133 22.36 -3.80 3.29
C VAL D 133 23.25 -4.78 4.07
N PRO D 134 24.28 -4.29 4.80
CA PRO D 134 25.05 -5.23 5.62
C PRO D 134 24.18 -6.03 6.58
N GLU D 135 23.14 -5.42 7.12
CA GLU D 135 22.20 -6.13 7.98
C GLU D 135 21.40 -7.17 7.23
N SER D 136 20.87 -6.80 6.06
CA SER D 136 20.11 -7.74 5.27
C SER D 136 20.97 -8.92 4.77
N MET D 137 22.29 -8.72 4.71
CA MET D 137 23.20 -9.77 4.26
C MET D 137 23.42 -10.85 5.31
N VAL D 138 23.68 -10.44 6.56
CA VAL D 138 23.78 -11.38 7.67
C VAL D 138 22.49 -12.21 7.81
N LYS D 139 21.34 -11.57 7.56
CA LYS D 139 20.05 -12.26 7.57
C LYS D 139 19.99 -13.41 6.56
N GLU D 140 20.21 -13.12 5.28
CA GLU D 140 20.16 -14.14 4.25
C GLU D 140 21.26 -15.19 4.36
N GLN D 141 22.50 -14.74 4.50
CA GLN D 141 23.67 -15.61 4.37
C GLN D 141 24.20 -16.18 5.68
N LEU D 142 23.59 -15.78 6.79
CA LEU D 142 23.91 -16.35 8.11
C LEU D 142 22.66 -16.42 8.98
N PRO D 143 21.62 -17.12 8.50
CA PRO D 143 20.31 -17.11 9.17
C PRO D 143 20.26 -18.01 10.42
N LYS D 144 21.43 -18.48 10.85
CA LYS D 144 21.58 -19.28 12.06
C LYS D 144 22.56 -18.58 13.02
N ALA D 145 23.10 -17.46 12.57
CA ALA D 145 23.83 -16.58 13.47
C ALA D 145 22.80 -15.73 14.18
N GLN D 146 23.19 -15.17 15.33
CA GLN D 146 22.31 -14.28 16.08
C GLN D 146 22.57 -12.82 15.72
N LEU D 147 21.60 -12.20 15.05
CA LEU D 147 21.76 -10.86 14.52
C LEU D 147 21.10 -9.81 15.41
N THR D 148 21.92 -8.98 16.06
CA THR D 148 21.36 -7.88 16.84
C THR D 148 21.47 -6.54 16.08
N SER D 149 20.34 -6.06 15.59
CA SER D 149 20.29 -4.81 14.84
C SER D 149 20.32 -3.57 15.74
N LEU D 150 21.19 -2.62 15.40
CA LEU D 150 21.28 -1.36 16.12
C LEU D 150 20.99 -0.16 15.19
N THR D 151 20.48 0.92 15.75
CA THR D 151 20.09 2.08 14.96
C THR D 151 21.30 2.91 14.54
N ASN D 152 22.19 3.15 15.49
CA ASN D 152 23.38 3.97 15.30
C ASN D 152 24.57 3.05 15.12
N MET D 153 25.34 3.26 14.06
CA MET D 153 26.44 2.34 13.76
C MET D 153 27.47 2.33 14.89
N GLY D 154 27.59 3.45 15.59
CA GLY D 154 28.57 3.60 16.64
C GLY D 154 28.09 3.00 17.94
N GLU D 155 26.92 2.36 17.90
CA GLU D 155 26.43 1.60 19.04
C GLU D 155 26.84 0.13 18.95
N ALA D 156 26.87 -0.42 17.74
CA ALA D 156 27.36 -1.78 17.51
C ALA D 156 28.84 -1.97 17.88
N VAL D 157 29.58 -0.86 17.84
CA VAL D 157 31.02 -0.86 18.11
C VAL D 157 31.33 -0.68 19.60
N ASN D 158 30.47 0.03 20.31
CA ASN D 158 30.57 0.07 21.75
C ASN D 158 30.27 -1.31 22.31
N GLU D 159 29.36 -2.02 21.64
CA GLU D 159 28.96 -3.37 22.05
C GLU D 159 29.90 -4.47 21.56
N LEU D 160 30.86 -4.12 20.71
CA LEU D 160 31.95 -5.03 20.36
C LEU D 160 33.05 -4.86 21.40
N GLN D 161 33.36 -3.59 21.72
CA GLN D 161 34.35 -3.25 22.76
C GLN D 161 33.86 -3.62 24.15
N ALA D 162 32.54 -3.77 24.29
CA ALA D 162 31.94 -4.19 25.55
C ALA D 162 31.84 -5.71 25.63
N GLY D 163 32.36 -6.38 24.61
CA GLY D 163 32.41 -7.82 24.57
C GLY D 163 31.06 -8.48 24.36
N LYS D 164 30.01 -7.66 24.29
CA LYS D 164 28.65 -8.16 24.12
C LYS D 164 28.41 -8.66 22.69
N ILE D 165 29.09 -8.03 21.73
CA ILE D 165 28.97 -8.38 20.32
C ILE D 165 30.31 -8.91 19.78
N ASP D 166 30.24 -9.92 18.93
CA ASP D 166 31.47 -10.56 18.46
C ASP D 166 32.04 -9.95 17.20
N ALA D 167 31.19 -9.25 16.46
CA ALA D 167 31.54 -8.73 15.16
C ALA D 167 30.51 -7.70 14.74
N VAL D 168 30.88 -6.82 13.83
CA VAL D 168 29.90 -5.93 13.19
C VAL D 168 30.04 -5.88 11.66
N HIS D 169 28.92 -6.10 10.97
CA HIS D 169 28.85 -6.06 9.52
C HIS D 169 28.57 -4.62 9.06
N MET D 170 29.38 -4.12 8.14
CA MET D 170 29.33 -2.72 7.74
C MET D 170 30.18 -2.50 6.50
N ASP D 171 30.01 -1.35 5.86
CA ASP D 171 30.82 -0.98 4.70
C ASP D 171 32.30 -0.89 5.05
N GLU D 172 33.11 -1.64 4.31
CA GLU D 172 34.52 -1.79 4.64
C GLU D 172 35.34 -0.54 4.94
N PRO D 173 35.08 0.60 4.26
CA PRO D 173 35.85 1.79 4.65
C PRO D 173 35.60 2.24 6.09
N VAL D 174 34.37 2.06 6.58
CA VAL D 174 34.04 2.40 7.97
C VAL D 174 34.77 1.45 8.93
N ALA D 175 34.74 0.17 8.58
CA ALA D 175 35.40 -0.87 9.33
C ALA D 175 36.88 -0.56 9.39
N LEU D 176 37.47 -0.26 8.24
CA LEU D 176 38.87 0.11 8.16
C LEU D 176 39.10 1.38 8.93
N SER D 177 38.11 2.27 8.93
CA SER D 177 38.21 3.52 9.65
C SER D 177 38.19 3.28 11.15
N TYR D 178 37.30 2.39 11.59
CA TYR D 178 37.23 2.04 13.00
C TYR D 178 38.51 1.32 13.44
N ALA D 179 39.05 0.49 12.56
CA ALA D 179 40.25 -0.29 12.85
C ALA D 179 41.48 0.57 13.12
N ALA D 180 41.63 1.62 12.31
CA ALA D 180 42.80 2.49 12.41
C ALA D 180 42.63 3.61 13.44
N LYS D 181 41.40 3.92 13.82
CA LYS D 181 41.13 4.99 14.78
C LYS D 181 41.09 4.41 16.20
N ASN D 182 41.06 3.09 16.29
CA ASN D 182 41.01 2.39 17.57
C ASN D 182 42.01 1.25 17.59
N ALA D 183 43.27 1.61 17.82
CA ALA D 183 44.40 0.68 17.74
C ALA D 183 44.16 -0.56 18.59
N GLY D 184 43.57 -1.58 17.96
CA GLY D 184 43.24 -2.80 18.66
C GLY D 184 42.02 -3.46 18.06
N LEU D 185 41.65 -3.01 16.85
CA LEU D 185 40.57 -3.65 16.12
C LEU D 185 41.05 -4.05 14.73
N ALA D 186 40.25 -4.84 14.03
CA ALA D 186 40.64 -5.36 12.73
C ALA D 186 39.47 -5.86 11.88
N VAL D 187 39.64 -5.76 10.56
CA VAL D 187 38.67 -6.28 9.61
C VAL D 187 38.98 -7.73 9.28
N ALA D 188 38.00 -8.61 9.44
CA ALA D 188 38.23 -10.04 9.23
C ALA D 188 38.51 -10.38 7.77
N THR D 189 39.27 -11.46 7.56
CA THR D 189 39.52 -12.03 6.23
C THR D 189 38.29 -12.78 5.74
N VAL D 190 37.23 -12.73 6.56
CA VAL D 190 35.95 -13.31 6.22
C VAL D 190 35.08 -12.30 5.50
N SER D 191 34.43 -12.75 4.44
CA SER D 191 33.51 -11.92 3.69
C SER D 191 32.19 -12.63 3.57
N LEU D 192 31.23 -11.95 2.96
CA LEU D 192 29.95 -12.55 2.62
C LEU D 192 29.73 -12.27 1.14
N LYS D 193 28.84 -13.01 0.51
CA LYS D 193 28.62 -12.88 -0.93
C LYS D 193 27.94 -11.55 -1.29
N MET D 194 28.38 -10.93 -2.39
CA MET D 194 28.00 -9.56 -2.72
C MET D 194 27.56 -9.32 -4.15
N LYS D 195 26.82 -8.22 -4.36
CA LYS D 195 26.79 -7.54 -5.66
C LYS D 195 28.11 -6.77 -5.72
N ASP D 196 28.71 -6.50 -6.89
CA ASP D 196 28.24 -6.80 -8.26
C ASP D 196 26.96 -6.08 -8.70
N GLY D 197 26.82 -4.80 -8.33
CA GLY D 197 25.71 -3.99 -8.80
C GLY D 197 25.23 -2.85 -7.93
N ASP D 198 25.49 -2.90 -6.63
CA ASP D 198 24.89 -1.93 -5.71
C ASP D 198 25.91 -1.05 -4.99
N ALA D 199 26.43 -0.07 -5.71
CA ALA D 199 27.39 0.86 -5.17
C ALA D 199 26.65 1.95 -4.41
N ASN D 200 27.40 2.91 -3.89
CA ASN D 200 26.82 4.07 -3.21
C ASN D 200 26.31 5.11 -4.21
N ALA D 201 25.09 5.59 -4.01
CA ALA D 201 24.54 6.64 -4.88
C ALA D 201 23.68 7.61 -4.08
N VAL D 202 23.38 8.75 -4.72
CA VAL D 202 22.50 9.78 -4.17
C VAL D 202 21.03 9.42 -4.44
N ALA D 203 20.19 9.47 -3.41
CA ALA D 203 18.80 9.09 -3.55
C ALA D 203 17.96 10.34 -3.65
N LEU D 204 16.94 10.28 -4.51
CA LEU D 204 15.99 11.37 -4.74
C LEU D 204 14.58 10.78 -4.92
N ARG D 205 13.57 11.64 -4.82
CA ARG D 205 12.19 11.25 -5.13
C ARG D 205 12.05 10.91 -6.61
N LYS D 206 11.16 9.98 -6.93
CA LYS D 206 10.86 9.64 -8.32
C LYS D 206 10.42 10.88 -9.10
N ASN D 207 10.65 10.85 -10.41
CA ASN D 207 10.23 11.95 -11.29
C ASN D 207 10.85 13.29 -10.90
N SER D 208 12.16 13.29 -10.69
CA SER D 208 12.91 14.51 -10.48
C SER D 208 14.11 14.48 -11.41
N ASP D 209 13.80 14.35 -12.69
CA ASP D 209 14.80 14.10 -13.72
C ASP D 209 15.74 15.28 -13.91
N ASP D 210 15.30 16.48 -13.53
CA ASP D 210 16.12 17.67 -13.70
C ASP D 210 17.24 17.73 -12.66
N LEU D 211 16.89 17.41 -11.42
CA LEU D 211 17.82 17.46 -10.32
C LEU D 211 18.73 16.26 -10.41
N LYS D 212 18.15 15.12 -10.76
CA LYS D 212 18.92 13.91 -10.95
C LYS D 212 20.01 14.17 -11.99
N GLU D 213 19.68 14.92 -13.03
CA GLU D 213 20.64 15.20 -14.09
C GLU D 213 21.79 16.10 -13.63
N VAL D 214 21.49 17.05 -12.75
CA VAL D 214 22.50 17.94 -12.19
C VAL D 214 23.44 17.16 -11.28
N VAL D 215 22.86 16.37 -10.38
CA VAL D 215 23.61 15.46 -9.48
C VAL D 215 24.51 14.48 -10.25
N ASP D 216 23.97 13.85 -11.30
CA ASP D 216 24.75 12.95 -12.18
C ASP D 216 25.91 13.66 -12.87
N LYS D 217 25.68 14.89 -13.33
CA LYS D 217 26.75 15.65 -13.97
C LYS D 217 27.87 15.96 -13.00
N VAL D 218 27.52 16.39 -11.80
CA VAL D 218 28.53 16.69 -10.80
C VAL D 218 29.28 15.42 -10.42
N ILE D 219 28.55 14.33 -10.21
CA ILE D 219 29.18 13.05 -9.85
C ILE D 219 30.11 12.54 -10.96
N GLN D 220 29.67 12.60 -12.21
CA GLN D 220 30.54 12.18 -13.30
C GLN D 220 31.84 12.97 -13.34
N LYS D 221 31.81 14.28 -13.05
CA LYS D 221 33.04 15.05 -13.04
C LYS D 221 33.94 14.72 -11.84
N LEU D 222 33.32 14.50 -10.69
CA LEU D 222 34.05 14.06 -9.50
C LEU D 222 34.82 12.75 -9.75
N LYS D 223 34.11 11.73 -10.25
CA LYS D 223 34.74 10.44 -10.56
C LYS D 223 35.82 10.53 -11.63
N ASP D 224 35.56 11.29 -12.70
CA ASP D 224 36.51 11.44 -13.80
C ASP D 224 37.78 12.18 -13.37
N GLU D 225 37.67 12.98 -12.32
CA GLU D 225 38.79 13.82 -11.87
C GLU D 225 39.44 13.30 -10.61
N GLY D 226 38.93 12.17 -10.13
CA GLY D 226 39.48 11.47 -9.00
C GLY D 226 39.07 12.13 -7.71
N THR D 227 38.00 12.92 -7.76
CA THR D 227 37.69 13.82 -6.65
C THR D 227 37.10 13.14 -5.42
N TYR D 228 36.22 12.17 -5.59
CA TYR D 228 35.63 11.54 -4.42
C TYR D 228 36.69 10.77 -3.63
N GLN D 229 37.62 10.15 -4.35
CA GLN D 229 38.70 9.44 -3.69
C GLN D 229 39.50 10.41 -2.83
N SER D 230 39.74 11.62 -3.38
CA SER D 230 40.46 12.66 -2.64
C SER D 230 39.67 13.07 -1.40
N TYR D 231 38.35 13.14 -1.53
CA TYR D 231 37.49 13.51 -0.42
C TYR D 231 37.60 12.46 0.70
N LEU D 232 37.66 11.18 0.35
CA LEU D 232 37.78 10.10 1.33
C LEU D 232 39.15 10.13 2.01
N GLU D 233 40.13 10.68 1.31
CA GLU D 233 41.47 10.80 1.85
C GLU D 233 41.55 11.98 2.81
N LYS D 234 40.88 13.07 2.47
CA LYS D 234 40.74 14.21 3.38
C LYS D 234 40.00 13.79 4.64
N ALA D 235 38.87 13.10 4.46
CA ALA D 235 38.03 12.65 5.57
C ALA D 235 38.77 11.75 6.56
N ALA D 236 39.60 10.84 6.04
CA ALA D 236 40.32 9.89 6.89
C ALA D 236 41.43 10.56 7.71
N SER D 237 41.73 11.82 7.41
CA SER D 237 42.69 12.55 8.21
C SER D 237 41.98 13.33 9.31
N LEU D 238 40.65 13.42 9.22
CA LEU D 238 39.86 14.18 10.20
C LEU D 238 39.55 13.34 11.44
N THR D 239 39.23 14.04 12.53
CA THR D 239 38.96 13.40 13.82
C THR D 239 37.46 13.32 14.09
N GLU D 240 37.06 12.48 15.04
CA GLU D 240 35.65 12.29 15.34
C GLU D 240 35.24 12.76 16.77
N VAL D 241 33.95 13.01 16.96
CA VAL D 241 33.39 13.47 18.23
C VAL D 241 32.00 12.89 18.45
S SO4 E . 3.18 6.61 46.53
O1 SO4 E . 1.93 6.57 47.30
O2 SO4 E . 4.05 7.61 47.12
O3 SO4 E . 3.82 5.31 46.56
O4 SO4 E . 2.95 6.99 45.14
S SO4 F . 2.97 -23.59 5.23
O1 SO4 F . 1.91 -22.77 5.79
O2 SO4 F . 4.18 -23.52 6.04
O3 SO4 F . 2.50 -24.97 5.17
O4 SO4 F . 3.26 -23.09 3.90
S SO4 G . 3.44 -14.74 35.37
O1 SO4 G . 2.88 -16.09 35.48
O2 SO4 G . 3.96 -14.34 36.67
O3 SO4 G . 4.51 -14.80 34.39
O4 SO4 G . 2.44 -13.77 34.91
CL CL H . -6.67 9.31 31.10
C1 PEG I . -8.08 -13.12 30.10
O1 PEG I . -7.74 -11.81 30.33
C2 PEG I . -7.24 -14.06 29.22
O2 PEG I . -6.07 -13.67 28.60
C3 PEG I . -5.51 -14.69 27.89
C4 PEG I . -6.25 -16.02 27.91
O4 PEG I . -5.81 -17.10 27.23
C1 PEG J . -9.73 -9.27 33.76
O1 PEG J . -8.68 -10.01 33.29
C2 PEG J . -9.55 -7.85 34.32
O2 PEG J . -8.31 -7.25 34.37
C3 PEG J . -8.33 -5.99 34.88
C4 PEG J . -9.64 -5.37 35.34
O4 PEG J . -9.65 -4.10 35.85
C1 PEG K . 4.62 -24.86 20.78
O1 PEG K . 4.19 -25.91 20.02
C2 PEG K . 3.65 -23.91 21.52
O2 PEG K . 2.29 -24.00 21.53
C3 PEG K . 1.85 -22.98 22.31
C4 PEG K . 0.36 -22.68 22.59
O4 PEG K . -0.67 -23.43 22.10
C1 PEG L . 0.52 -3.71 48.57
O1 PEG L . -0.41 -4.68 48.36
C2 PEG L . 1.89 -3.88 47.90
O2 PEG L . 2.95 -3.02 47.99
C3 PEG L . 3.86 -3.67 47.20
C4 PEG L . 5.27 -3.19 46.90
O4 PEG L . 6.07 -3.96 46.09
C1 PEG M . -14.11 -26.55 10.13
O1 PEG M . -14.67 -26.22 11.32
C2 PEG M . -14.97 -26.94 8.94
O2 PEG M . -16.32 -26.96 9.10
C3 PEG M . -17.01 -27.33 7.99
C4 PEG M . -18.54 -27.38 8.06
O4 PEG M . -19.23 -27.75 6.95
C1 PEG N . 10.04 -15.72 29.67
O1 PEG N . 10.97 -16.69 29.43
C2 PEG N . 9.23 -15.12 28.50
O2 PEG N . 9.48 -15.58 27.24
C3 PEG N . 8.74 -15.00 26.25
C4 PEG N . 8.97 -15.48 24.81
O4 PEG N . 8.27 -14.96 23.77
C1 PEG O . -2.43 -4.56 -1.52
O1 PEG O . -1.07 -4.51 -1.54
C2 PEG O . -3.35 -5.66 -2.15
O2 PEG O . -3.03 -6.79 -2.85
C3 PEG O . -1.70 -6.99 -3.03
C4 PEG O . -1.18 -8.20 -3.80
O4 PEG O . 0.16 -8.35 -3.94
C1 GOL P . 13.02 -13.06 16.90
O1 GOL P . 14.19 -13.80 17.16
C2 GOL P . 11.95 -13.33 17.95
O2 GOL P . 11.44 -12.08 18.38
C3 GOL P . 10.82 -14.17 17.35
O3 GOL P . 9.97 -14.69 18.36
C1 GOL Q . -16.56 -3.66 5.05
O1 GOL Q . -17.97 -3.61 4.94
C2 GOL Q . -16.11 -5.11 5.07
O2 GOL Q . -14.91 -5.28 4.34
C3 GOL Q . -15.92 -5.56 6.52
O3 GOL Q . -17.11 -5.42 7.27
C1 GOL R . -12.85 -19.03 20.77
O1 GOL R . -11.62 -18.95 21.45
C2 GOL R . -13.58 -17.68 20.83
O2 GOL R . -13.96 -17.27 19.54
C3 GOL R . -14.82 -17.80 21.70
O3 GOL R . -15.73 -16.82 21.27
C1 PGE S . -3.23 6.11 19.11
O1 PGE S . -2.75 5.59 20.34
C2 PGE S . -4.63 5.58 18.85
O2 PGE S . -5.51 5.96 19.91
C3 PGE S . -6.85 5.70 19.50
C4 PGE S . -7.03 4.20 19.28
O4 PGE S . -11.65 4.71 20.18
C6 PGE S . -10.67 4.34 19.20
C5 PGE S . -9.30 4.30 19.85
O3 PGE S . -8.35 3.94 18.85
C1 PEG T . 10.48 -24.22 18.73
O1 PEG T . 10.06 -22.93 18.64
C2 PEG T . 10.84 -24.98 17.46
O2 PEG T . 10.74 -24.34 16.25
C3 PEG T . 11.11 -25.22 15.28
C4 PEG T . 11.11 -24.80 13.82
O4 PEG T . 10.73 -23.55 13.46
N ARG U . 2.26 -4.65 20.51
CA ARG U . 3.03 -5.39 21.49
C ARG U . 3.91 -6.44 20.83
O ARG U . 4.81 -6.97 21.46
CB ARG U . 2.12 -6.03 22.53
CG ARG U . 0.94 -6.80 21.97
CD ARG U . 0.25 -7.65 23.06
NE ARG U . -0.98 -8.26 22.58
CZ ARG U . -1.84 -8.90 23.35
NH1 ARG U . -1.61 -9.04 24.65
NH2 ARG U . -2.95 -9.42 22.82
OXT ARG U . 3.74 -6.79 19.67
S SO4 V . -0.96 27.76 7.50
O1 SO4 V . -1.64 26.97 6.47
O2 SO4 V . -1.98 28.19 8.46
O3 SO4 V . 0.04 26.94 8.17
O4 SO4 V . -0.31 28.93 6.91
C ACT W . -27.41 25.33 -12.36
O ACT W . -27.06 24.43 -11.58
OXT ACT W . -27.34 25.04 -13.56
CH3 ACT W . -27.89 26.68 -11.86
C1 EDO X . -14.64 3.75 -14.70
O1 EDO X . -13.65 3.63 -13.66
C2 EDO X . -14.12 4.69 -15.78
O2 EDO X . -14.87 4.47 -16.97
C1 PEG Y . -2.18 18.09 11.06
O1 PEG Y . -1.39 17.42 11.95
C2 PEG Y . -3.63 18.37 11.42
O2 PEG Y . -4.44 19.03 10.56
C3 PEG Y . -5.71 19.16 11.08
C4 PEG Y . -6.11 18.61 12.47
O4 PEG Y . -7.38 18.75 12.99
C1 PEG Z . -3.85 5.90 -8.64
O1 PEG Z . -3.13 5.61 -9.76
C2 PEG Z . -5.25 5.31 -8.41
O2 PEG Z . -5.99 5.58 -7.29
C3 PEG Z . -7.21 4.94 -7.28
C4 PEG Z . -7.65 4.03 -8.42
O4 PEG Z . -8.86 3.40 -8.40
C1 PEG AA . -28.68 22.55 1.39
O1 PEG AA . -28.71 23.90 1.26
C2 PEG AA . -29.58 21.88 2.42
O2 PEG AA . -30.38 22.67 3.16
C3 PEG AA . -31.12 21.95 4.04
C4 PEG AA . -32.08 22.71 4.95
O4 PEG AA . -32.17 24.06 4.89
C1 PEG BA . -37.59 19.99 -12.27
O1 PEG BA . -36.26 20.25 -12.08
C2 PEG BA . -38.11 18.97 -13.31
O2 PEG BA . -39.45 18.72 -13.47
C3 PEG BA . -40.24 19.48 -12.65
C4 PEG BA . -41.78 19.36 -12.69
O4 PEG BA . -42.56 20.11 -11.87
C ACT CA . -5.29 25.52 11.36
O ACT CA . -5.15 24.34 11.77
OXT ACT CA . -4.24 26.18 11.17
CH3 ACT CA . -6.64 26.11 11.09
C ACT DA . -35.55 -2.61 3.16
O ACT DA . -36.00 -3.49 2.39
OXT ACT DA . -36.23 -1.58 3.27
CH3 ACT DA . -34.25 -2.79 3.90
C ACT EA . -2.97 16.30 -20.88
O ACT EA . -3.16 15.21 -20.32
OXT ACT EA . -3.98 16.85 -21.40
CH3 ACT EA . -1.61 16.93 -20.93
C1 PGE FA . 3.36 17.62 10.01
O1 PGE FA . 3.70 18.12 11.31
C2 PGE FA . 2.38 16.46 10.15
O2 PGE FA . 2.02 15.95 8.85
C3 PGE FA . 1.02 14.93 8.97
C4 PGE FA . 1.68 13.56 9.18
O4 PGE FA . -1.67 12.13 12.16
C6 PGE FA . -0.89 11.73 11.02
C5 PGE FA . -0.13 12.94 10.46
O3 PGE FA . 0.65 12.56 9.32
C1 PGE GA . -16.63 29.68 0.04
O1 PGE GA . -15.62 30.41 0.75
C2 PGE GA . -16.92 30.34 -1.31
O2 PGE GA . -17.95 29.59 -2.00
C3 PGE GA . -18.44 30.20 -3.20
C4 PGE GA . -17.84 29.56 -4.46
O4 PGE GA . -20.90 26.03 -3.30
C6 PGE GA . -19.68 26.26 -4.04
C5 PGE GA . -19.37 27.75 -3.92
O3 PGE GA . -18.15 28.15 -4.57
N ARG HA . -17.18 11.57 -5.94
CA ARG HA . -17.92 12.20 -7.01
C ARG HA . -16.99 12.47 -8.19
O ARG HA . -17.43 12.69 -9.34
CB ARG HA . -18.59 13.49 -6.53
CG ARG HA . -17.66 14.49 -5.88
CD ARG HA . -18.35 15.84 -5.63
NE ARG HA . -17.58 16.69 -4.72
CZ ARG HA . -17.96 17.89 -4.27
NH1 ARG HA . -19.11 18.42 -4.66
NH2 ARG HA . -17.17 18.55 -3.43
OXT ARG HA . -15.79 12.47 -8.02
S SO4 IA . -15.32 -24.56 -2.75
O1 SO4 IA . -16.60 -24.08 -2.23
O2 SO4 IA . -14.24 -24.00 -1.98
O3 SO4 IA . -15.25 -26.02 -2.64
O4 SO4 IA . -15.20 -24.17 -4.16
C1 PEG JA . -20.09 -23.59 -18.35
O1 PEG JA . -19.65 -24.85 -18.11
C2 PEG JA . -21.55 -23.21 -18.16
O2 PEG JA . -21.97 -21.93 -18.40
C3 PEG JA . -23.30 -21.76 -18.19
C4 PEG JA . -23.89 -20.37 -18.43
O4 PEG JA . -23.07 -19.38 -18.84
C1 PEG KA . -6.32 -34.82 -26.59
O1 PEG KA . -7.14 -35.13 -27.64
C2 PEG KA . -4.90 -35.39 -26.54
O2 PEG KA . -4.03 -35.11 -25.52
C3 PEG KA . -4.58 -34.29 -24.59
C4 PEG KA . -3.77 -33.86 -23.35
O4 PEG KA . -2.51 -34.32 -23.17
C1 PEG LA . -18.51 -10.79 -9.38
O1 PEG LA . -18.88 -9.98 -8.35
C2 PEG LA . -17.23 -11.64 -9.32
O2 PEG LA . -16.39 -11.60 -8.24
C3 PEG LA . -15.32 -12.43 -8.41
C4 PEG LA . -14.23 -12.59 -7.34
O4 PEG LA . -14.25 -11.92 -6.16
C1 PEG MA . -10.23 -18.00 -35.87
O1 PEG MA . -10.89 -16.83 -35.59
C2 PEG MA . -9.15 -18.51 -34.91
O2 PEG MA . -8.47 -19.68 -35.15
C3 PEG MA . -8.92 -20.23 -36.30
C4 PEG MA . -8.34 -21.53 -36.82
O4 PEG MA . -8.84 -22.03 -37.98
C1 PEG NA . -12.05 -38.03 -3.35
O1 PEG NA . -10.91 -38.76 -3.48
C2 PEG NA . -12.75 -37.56 -4.62
O2 PEG NA . -13.90 -36.83 -4.61
C3 PEG NA . -14.40 -36.53 -3.39
C4 PEG NA . -15.70 -35.70 -3.38
O4 PEG NA . -16.29 -35.33 -2.21
C1 GOL OA . -19.17 -20.00 -36.51
O1 GOL OA . -19.57 -19.13 -35.47
C2 GOL OA . -20.39 -20.62 -37.18
O2 GOL OA . -20.94 -21.62 -36.35
C3 GOL OA . -21.45 -19.55 -37.38
O3 GOL OA . -22.46 -20.07 -38.22
C1 GOL PA . -18.46 0.17 -16.27
O1 GOL PA . -18.77 -1.20 -16.09
C2 GOL PA . -17.68 0.34 -17.55
O2 GOL PA . -18.23 -0.52 -18.53
C3 GOL PA . -17.83 1.78 -18.01
O3 GOL PA . -16.61 2.27 -18.50
C ACT QA . -13.28 -29.32 -36.35
O ACT QA . -13.48 -28.26 -37.01
OXT ACT QA . -12.08 -29.55 -36.07
CH3 ACT QA . -14.39 -30.23 -35.94
C ACT RA . -3.36 -15.89 -38.55
O ACT RA . -4.51 -16.26 -38.90
OXT ACT RA . -2.94 -14.85 -39.12
CH3 ACT RA . -2.55 -16.63 -37.54
C1 PGE SA . -5.76 -36.55 -21.17
O1 PGE SA . -5.85 -37.01 -19.82
C2 PGE SA . -6.93 -35.63 -21.52
O2 PGE SA . -6.80 -35.20 -22.89
C3 PGE SA . -7.76 -34.23 -23.33
C4 PGE SA . -9.18 -34.80 -23.24
O4 PGE SA . -11.89 -31.68 -24.63
C6 PGE SA . -11.51 -31.88 -23.26
C5 PGE SA . -10.14 -32.57 -23.09
O3 PGE SA . -10.17 -33.87 -23.71
N ARG TA . -4.69 -11.01 -23.39
CA ARG TA . -5.24 -9.85 -22.71
C ARG TA . -4.86 -9.81 -21.22
O ARG TA . -4.54 -10.81 -20.57
CB ARG TA . -6.75 -9.80 -22.86
CG ARG TA . -7.45 -11.05 -22.38
CD ARG TA . -8.93 -10.80 -22.14
NE ARG TA . -9.64 -12.05 -21.92
CZ ARG TA . -10.96 -12.15 -21.83
NH1 ARG TA . -11.73 -11.06 -21.96
NH2 ARG TA . -11.53 -13.33 -21.63
OXT ARG TA . -4.89 -8.74 -20.63
C1 PEG UA . 27.25 8.68 16.02
O1 PEG UA . 28.49 8.77 16.59
C2 PEG UA . 26.36 9.90 15.65
O2 PEG UA . 25.18 9.53 15.09
C3 PEG UA . 24.26 10.43 14.70
C4 PEG UA . 23.01 9.78 14.10
O4 PEG UA . 21.98 10.56 13.67
C1 PEG VA . 35.10 19.21 -8.80
O1 PEG VA . 35.50 17.92 -8.96
C2 PEG VA . 33.62 19.59 -8.92
O2 PEG VA . 33.36 20.89 -8.73
C3 PEG VA . 32.07 21.32 -8.84
C4 PEG VA . 31.91 22.82 -8.60
O4 PEG VA . 30.69 23.40 -8.67
C1 GOL WA . 34.33 21.40 -0.42
O1 GOL WA . 35.61 21.03 0.08
C2 GOL WA . 34.26 21.17 -1.93
O2 GOL WA . 33.33 20.16 -2.24
C3 GOL WA . 33.83 22.44 -2.65
O3 GOL WA . 33.76 22.19 -4.04
C ACT XA . 33.09 -16.49 21.01
O ACT XA . 33.14 -16.73 19.78
OXT ACT XA . 32.09 -15.87 21.41
CH3 ACT XA . 34.18 -16.93 21.95
N ARG YA . 25.56 1.05 2.58
CA ARG YA . 24.58 0.60 3.54
C ARG YA . 23.16 0.84 3.06
O ARG YA . 22.19 0.29 3.60
CB ARG YA . 24.78 1.28 4.89
CG ARG YA . 24.71 2.80 4.84
CD ARG YA . 24.74 3.36 6.24
NE ARG YA . 25.09 4.77 6.28
CZ ARG YA . 25.21 5.47 7.40
NH1 ARG YA . 24.99 4.87 8.57
NH2 ARG YA . 25.54 6.75 7.37
OXT ARG YA . 22.94 1.60 2.12
#